data_4UUG
#
_entry.id   4UUG
#
_cell.length_a   144.449
_cell.length_b   144.449
_cell.length_c   96.112
_cell.angle_alpha   90.00
_cell.angle_beta   90.00
_cell.angle_gamma   120.00
#
_symmetry.space_group_name_H-M   'P 31 2 1'
#
loop_
_entity.id
_entity.type
_entity.pdbx_description
1 polymer 'AMINE TRANSAMINASE'
2 non-polymer '3-[O-PHOSPHONOPYRIDOXYL]--AMINO-BENZOIC ACID'
3 non-polymer (4R)-2-METHYLPENTANE-2,4-DIOL
4 non-polymer 'FORMIC ACID'
5 non-polymer (4S)-2-METHYL-2,4-PENTANEDIOL
6 non-polymer 'SODIUM ION'
7 water water
#
_entity_poly.entity_id   1
_entity_poly.type   'polypeptide(L)'
_entity_poly.pdbx_seq_one_letter_code
;MASMDKVFSGYYARQKLLERSDNPFSKGIAYVEGKLVLPSDARIPLLDEGFMHSDLTYDVISVWDGRFFRLDDHLQRILE
SCDKMRLKFPLALSSVKNILAEMVAKSGIRDAFVEVIVTRGLTGVRGSKPEDLYNNNIYLLVLPYIWVMAPENQLHGGEA
IITRTVRRTPPGAFDPTIKNLQWGDLTKGLFEAMDRGATYPFLTDGDTNLTEGSGFNIVLVKNGIIYTPDRGVLRGITRK
SVIDVARANSIDIRLEVVPVEQAYHSDEIFMCTTAGGIMPITLLDGQPVNDGQVGPITKKIWDGYWEMHYNPAYSFPVDY
GSGSGSHHHHHH
;
_entity_poly.pdbx_strand_id   A,B
#
loop_
_chem_comp.id
_chem_comp.type
_chem_comp.name
_chem_comp.formula
FMT non-polymer 'FORMIC ACID' 'C H2 O2'
MPD non-polymer (4S)-2-METHYL-2,4-PENTANEDIOL 'C6 H14 O2'
MRD non-polymer (4R)-2-METHYLPENTANE-2,4-DIOL 'C6 H14 O2'
NA non-polymer 'SODIUM ION' 'Na 1'
PXG non-polymer '3-[O-PHOSPHONOPYRIDOXYL]--AMINO-BENZOIC ACID' 'C15 H17 N2 O7 P'
#
# COMPACT_ATOMS: atom_id res chain seq x y z
C MET A 1 6.24 35.15 -10.70
N ALA A 2 6.88 35.82 -9.77
CA ALA A 2 6.64 35.54 -8.36
C ALA A 2 6.67 36.72 -7.36
N SER A 3 6.06 36.45 -6.19
CA SER A 3 5.87 37.37 -5.05
C SER A 3 4.83 36.69 -4.10
N MET A 4 5.13 36.42 -2.80
N MET A 4 5.15 36.62 -2.80
CA MET A 4 4.16 35.63 -1.95
CA MET A 4 4.32 35.90 -1.80
C MET A 4 2.78 36.29 -2.17
C MET A 4 2.85 36.33 -1.81
N ASP A 5 2.77 37.61 -2.00
N ASP A 5 2.57 37.55 -1.37
CA ASP A 5 1.59 38.43 -2.30
CA ASP A 5 1.20 38.06 -1.46
C ASP A 5 0.92 38.11 -3.65
C ASP A 5 0.55 37.76 -2.82
N LYS A 6 1.52 38.55 -4.78
N LYS A 6 1.30 37.98 -3.92
CA LYS A 6 1.10 38.17 -6.17
CA LYS A 6 0.77 38.03 -5.33
C LYS A 6 0.56 36.71 -6.44
C LYS A 6 0.39 36.69 -6.02
N VAL A 7 1.32 35.73 -5.97
CA VAL A 7 1.02 34.34 -6.33
C VAL A 7 -0.26 33.96 -5.61
N PHE A 8 -0.32 34.22 -4.33
CA PHE A 8 -1.46 33.81 -3.53
C PHE A 8 -2.68 34.66 -3.76
N SER A 9 -2.51 35.96 -3.98
CA SER A 9 -3.68 36.81 -4.28
CA SER A 9 -3.66 36.82 -4.30
C SER A 9 -4.35 36.37 -5.58
N GLY A 10 -3.56 36.02 -6.60
CA GLY A 10 -4.11 35.51 -7.84
C GLY A 10 -4.92 34.24 -7.66
N TYR A 11 -4.33 33.32 -6.90
CA TYR A 11 -5.01 32.09 -6.57
C TYR A 11 -6.37 32.37 -5.89
N TYR A 12 -6.42 33.21 -4.84
CA TYR A 12 -7.68 33.44 -4.13
CA TYR A 12 -7.72 33.37 -4.17
C TYR A 12 -8.73 34.09 -5.06
N ALA A 13 -8.27 34.98 -5.93
CA ALA A 13 -9.19 35.59 -6.91
C ALA A 13 -9.76 34.55 -7.86
N ARG A 14 -8.90 33.67 -8.37
CA ARG A 14 -9.37 32.60 -9.27
C ARG A 14 -10.32 31.64 -8.52
N GLN A 15 -10.02 31.34 -7.27
CA GLN A 15 -10.87 30.46 -6.47
CA GLN A 15 -10.89 30.50 -6.44
C GLN A 15 -12.28 31.06 -6.25
N LYS A 16 -12.36 32.36 -6.01
CA LYS A 16 -13.65 33.01 -5.81
CA LYS A 16 -13.65 33.02 -5.81
C LYS A 16 -14.52 32.82 -7.04
N LEU A 17 -13.93 32.99 -8.21
CA LEU A 17 -14.65 32.80 -9.43
C LEU A 17 -15.09 31.34 -9.62
N LEU A 18 -14.19 30.40 -9.38
CA LEU A 18 -14.51 28.97 -9.53
C LEU A 18 -15.65 28.57 -8.62
N GLU A 19 -15.62 29.06 -7.38
CA GLU A 19 -16.67 28.72 -6.42
C GLU A 19 -18.04 29.28 -6.84
N ARG A 20 -18.08 30.28 -7.71
CA ARG A 20 -19.34 30.80 -8.23
C ARG A 20 -19.92 29.96 -9.36
N SER A 21 -19.11 29.08 -9.95
CA SER A 21 -19.52 28.33 -11.14
C SER A 21 -20.59 27.30 -10.79
N ASP A 22 -21.48 27.13 -11.80
N ASP A 22 -21.67 27.10 -11.54
CA ASP A 22 -22.42 26.01 -11.94
CA ASP A 22 -22.67 26.09 -11.07
C ASP A 22 -22.03 24.95 -13.01
C ASP A 22 -22.53 24.80 -11.90
N ASN A 23 -20.79 24.96 -13.49
N ASN A 23 -21.50 24.84 -12.73
CA ASN A 23 -20.31 23.84 -14.32
CA ASN A 23 -21.30 23.79 -13.69
C ASN A 23 -20.30 22.56 -13.40
C ASN A 23 -20.75 22.53 -13.09
N PRO A 24 -21.04 21.43 -13.73
CA PRO A 24 -20.99 20.19 -12.92
C PRO A 24 -19.60 19.71 -12.54
N PHE A 25 -18.59 19.99 -13.36
CA PHE A 25 -17.25 19.50 -13.07
C PHE A 25 -16.34 20.53 -12.37
N SER A 26 -16.92 21.62 -11.86
CA SER A 26 -16.13 22.67 -11.22
CA SER A 26 -16.18 22.68 -11.18
C SER A 26 -15.51 22.22 -9.88
N LYS A 27 -16.03 21.12 -9.32
CA LYS A 27 -15.42 20.53 -8.11
C LYS A 27 -14.51 19.35 -8.42
N GLY A 28 -14.21 19.13 -9.69
CA GLY A 28 -13.33 18.05 -10.10
C GLY A 28 -13.97 17.13 -11.10
N ILE A 29 -13.13 16.28 -11.71
CA ILE A 29 -13.53 15.38 -12.74
C ILE A 29 -12.54 14.22 -12.77
N ALA A 30 -13.02 13.00 -12.99
CA ALA A 30 -12.18 11.83 -13.11
C ALA A 30 -12.45 11.09 -14.39
N TYR A 31 -11.54 10.19 -14.75
CA TYR A 31 -11.61 9.40 -15.97
C TYR A 31 -11.33 7.96 -15.57
N VAL A 32 -12.37 7.14 -15.67
CA VAL A 32 -12.37 5.78 -15.18
C VAL A 32 -13.01 4.90 -16.24
N GLU A 33 -12.28 3.88 -16.74
CA GLU A 33 -12.78 3.01 -17.82
CA GLU A 33 -12.82 2.99 -17.77
C GLU A 33 -13.31 3.73 -19.03
N GLY A 34 -12.53 4.69 -19.46
CA GLY A 34 -12.80 5.46 -20.62
C GLY A 34 -13.92 6.46 -20.47
N LYS A 35 -14.47 6.61 -19.26
CA LYS A 35 -15.59 7.54 -19.02
C LYS A 35 -15.27 8.62 -18.00
N LEU A 36 -15.81 9.80 -18.24
CA LEU A 36 -15.72 10.90 -17.32
C LEU A 36 -16.74 10.70 -16.21
N VAL A 37 -16.38 11.12 -15.01
CA VAL A 37 -17.21 10.84 -13.83
C VAL A 37 -16.90 11.87 -12.76
N LEU A 38 -17.91 12.26 -12.01
CA LEU A 38 -17.72 13.18 -10.88
C LEU A 38 -16.85 12.43 -9.84
N PRO A 39 -15.94 13.15 -9.19
CA PRO A 39 -15.06 12.45 -8.22
C PRO A 39 -15.81 11.65 -7.15
N SER A 40 -16.91 12.18 -6.65
CA SER A 40 -17.69 11.46 -5.61
C SER A 40 -18.47 10.26 -6.16
N ASP A 41 -18.71 10.22 -7.48
CA ASP A 41 -19.35 9.10 -8.11
C ASP A 41 -18.33 8.05 -8.60
N ALA A 42 -17.05 8.40 -8.68
CA ALA A 42 -16.09 7.55 -9.36
C ALA A 42 -15.89 6.26 -8.54
N ARG A 43 -15.77 5.15 -9.24
CA ARG A 43 -15.68 3.81 -8.64
CA ARG A 43 -15.58 3.88 -8.56
C ARG A 43 -14.63 3.00 -9.34
N ILE A 44 -13.99 2.11 -8.61
CA ILE A 44 -13.03 1.22 -9.22
C ILE A 44 -13.51 -0.20 -8.91
N PRO A 45 -13.14 -1.20 -9.74
CA PRO A 45 -13.46 -2.58 -9.41
C PRO A 45 -12.82 -3.04 -8.10
N LEU A 46 -13.63 -3.67 -7.26
CA LEU A 46 -13.15 -4.24 -6.02
C LEU A 46 -11.97 -5.16 -6.27
N LEU A 47 -12.02 -5.91 -7.38
CA LEU A 47 -10.95 -6.87 -7.68
C LEU A 47 -9.74 -6.28 -8.37
N ASP A 48 -9.71 -4.96 -8.57
CA ASP A 48 -8.52 -4.33 -9.16
C ASP A 48 -7.37 -4.55 -8.18
N GLU A 49 -6.24 -5.04 -8.68
CA GLU A 49 -5.05 -5.29 -7.84
C GLU A 49 -4.43 -4.03 -7.27
N GLY A 50 -4.78 -2.86 -7.82
CA GLY A 50 -4.39 -1.62 -7.19
C GLY A 50 -5.03 -1.43 -5.83
N PHE A 51 -6.22 -2.01 -5.65
CA PHE A 51 -6.84 -2.11 -4.35
C PHE A 51 -6.41 -3.36 -3.61
N MET A 52 -6.54 -4.53 -4.26
CA MET A 52 -6.33 -5.79 -3.55
CA MET A 52 -6.33 -5.82 -3.58
C MET A 52 -4.91 -6.06 -3.07
N HIS A 53 -3.90 -5.45 -3.70
CA HIS A 53 -2.51 -5.55 -3.22
C HIS A 53 -1.71 -4.26 -3.37
N SER A 54 -2.41 -3.13 -3.48
CA SER A 54 -1.78 -1.83 -3.77
C SER A 54 -0.71 -1.97 -4.84
N ASP A 55 -1.05 -2.70 -5.90
CA ASP A 55 -0.08 -3.05 -6.93
C ASP A 55 -0.19 -2.03 -8.05
N LEU A 56 0.48 -0.90 -7.82
CA LEU A 56 0.28 0.28 -8.66
C LEU A 56 1.43 1.24 -8.50
N THR A 57 1.52 2.17 -9.45
CA THR A 57 2.31 3.37 -9.31
C THR A 57 1.41 4.56 -9.65
N TYR A 58 1.85 5.76 -9.30
CA TYR A 58 1.03 6.97 -9.59
C TYR A 58 1.97 8.14 -9.80
N ASP A 59 1.38 9.26 -10.18
CA ASP A 59 2.08 10.51 -10.19
C ASP A 59 1.06 11.64 -10.03
N VAL A 60 1.56 12.80 -9.61
CA VAL A 60 0.72 13.96 -9.36
C VAL A 60 1.37 15.17 -10.04
N ILE A 61 0.54 15.91 -10.79
CA ILE A 61 0.97 17.07 -11.54
C ILE A 61 0.09 18.23 -11.13
N SER A 62 0.60 19.44 -11.22
CA SER A 62 -0.21 20.61 -10.93
CA SER A 62 -0.13 20.68 -10.91
C SER A 62 -0.51 21.42 -12.20
N VAL A 63 -1.67 22.05 -12.13
CA VAL A 63 -2.02 23.19 -13.06
C VAL A 63 -2.07 24.42 -12.19
N TRP A 64 -1.38 25.50 -12.60
CA TRP A 64 -1.33 26.73 -11.86
C TRP A 64 -1.67 27.88 -12.80
N ASP A 65 -2.69 28.66 -12.44
CA ASP A 65 -3.09 29.83 -13.26
C ASP A 65 -3.30 29.37 -14.68
N GLY A 66 -3.96 28.21 -14.85
CA GLY A 66 -4.23 27.69 -16.16
C GLY A 66 -3.10 27.06 -16.93
N ARG A 67 -1.98 26.84 -16.26
CA ARG A 67 -0.78 26.34 -16.92
C ARG A 67 -0.35 25.01 -16.27
N PHE A 68 -0.26 23.97 -17.08
CA PHE A 68 0.32 22.69 -16.56
C PHE A 68 1.79 22.92 -16.29
N PHE A 69 2.26 22.42 -15.13
CA PHE A 69 3.66 22.57 -14.73
C PHE A 69 4.43 21.26 -14.83
N ARG A 70 5.42 21.23 -15.70
CA ARG A 70 6.32 20.10 -15.90
C ARG A 70 5.60 18.78 -16.16
N LEU A 71 4.52 18.84 -16.94
CA LEU A 71 3.78 17.61 -17.23
C LEU A 71 4.66 16.58 -17.90
N ASP A 72 5.52 16.97 -18.83
CA ASP A 72 6.38 15.99 -19.48
C ASP A 72 7.28 15.26 -18.51
N ASP A 73 7.83 15.96 -17.53
CA ASP A 73 8.71 15.32 -16.54
CA ASP A 73 8.71 15.31 -16.55
C ASP A 73 7.94 14.30 -15.69
N HIS A 74 6.71 14.64 -15.31
CA HIS A 74 5.91 13.74 -14.52
C HIS A 74 5.52 12.50 -15.33
N LEU A 75 5.16 12.68 -16.59
CA LEU A 75 4.76 11.53 -17.39
C LEU A 75 5.97 10.67 -17.66
N GLN A 76 7.15 11.25 -17.86
CA GLN A 76 8.35 10.44 -18.02
C GLN A 76 8.62 9.64 -16.73
N ARG A 77 8.40 10.26 -15.58
CA ARG A 77 8.64 9.59 -14.32
C ARG A 77 7.67 8.39 -14.18
N ILE A 78 6.40 8.57 -14.49
CA ILE A 78 5.48 7.47 -14.32
C ILE A 78 5.79 6.34 -15.32
N LEU A 79 6.28 6.66 -16.53
N LEU A 79 6.26 6.70 -16.52
CA LEU A 79 6.70 5.57 -17.44
CA LEU A 79 6.68 5.69 -17.48
C LEU A 79 7.84 4.79 -16.85
C LEU A 79 7.81 4.84 -16.89
N GLU A 80 8.79 5.49 -16.25
CA GLU A 80 9.93 4.83 -15.58
C GLU A 80 9.42 3.96 -14.41
N SER A 81 8.50 4.49 -13.64
CA SER A 81 7.93 3.74 -12.54
C SER A 81 7.24 2.46 -13.07
N CYS A 82 6.48 2.61 -14.13
CA CYS A 82 5.82 1.46 -14.74
C CYS A 82 6.86 0.43 -15.17
N ASP A 83 7.94 0.86 -15.86
CA ASP A 83 8.97 -0.08 -16.27
CA ASP A 83 8.95 -0.09 -16.28
C ASP A 83 9.53 -0.84 -15.08
N LYS A 84 9.83 -0.13 -13.99
CA LYS A 84 10.43 -0.75 -12.80
C LYS A 84 9.47 -1.75 -12.15
N MET A 85 8.16 -1.49 -12.28
CA MET A 85 7.08 -2.36 -11.74
CA MET A 85 7.14 -2.41 -11.74
C MET A 85 6.63 -3.46 -12.70
N ARG A 86 7.19 -3.51 -13.91
CA ARG A 86 6.78 -4.44 -14.93
CA ARG A 86 6.75 -4.41 -14.97
C ARG A 86 5.33 -4.18 -15.40
N LEU A 87 4.87 -2.92 -15.28
CA LEU A 87 3.58 -2.50 -15.80
C LEU A 87 3.75 -1.91 -17.18
N LYS A 88 2.74 -2.06 -18.00
CA LYS A 88 2.71 -1.42 -19.31
CA LYS A 88 2.73 -1.42 -19.30
C LYS A 88 1.74 -0.26 -19.25
N PHE A 89 2.27 0.94 -19.36
CA PHE A 89 1.43 2.10 -19.34
C PHE A 89 0.38 1.98 -20.45
N PRO A 90 -0.91 2.06 -20.13
CA PRO A 90 -1.87 1.50 -21.11
C PRO A 90 -2.39 2.44 -22.21
N LEU A 91 -1.97 3.70 -22.19
CA LEU A 91 -2.41 4.64 -23.24
C LEU A 91 -1.18 5.27 -23.80
N ALA A 92 -1.24 5.75 -25.05
CA ALA A 92 -0.19 6.54 -25.55
C ALA A 92 0.02 7.79 -24.68
N LEU A 93 1.26 8.21 -24.51
CA LEU A 93 1.57 9.39 -23.69
C LEU A 93 0.88 10.62 -24.25
N SER A 94 0.79 10.73 -25.58
CA SER A 94 0.14 11.87 -26.21
C SER A 94 -1.36 11.88 -25.90
N SER A 95 -1.96 10.69 -25.84
CA SER A 95 -3.38 10.59 -25.50
CA SER A 95 -3.35 10.56 -25.50
C SER A 95 -3.61 11.04 -24.07
N VAL A 96 -2.79 10.59 -23.13
CA VAL A 96 -2.99 10.98 -21.73
CA VAL A 96 -3.03 10.98 -21.74
C VAL A 96 -2.80 12.48 -21.56
N LYS A 97 -1.79 13.05 -22.20
CA LYS A 97 -1.57 14.51 -22.17
CA LYS A 97 -1.59 14.51 -22.13
C LYS A 97 -2.84 15.22 -22.66
N ASN A 98 -3.37 14.78 -23.81
CA ASN A 98 -4.53 15.47 -24.36
C ASN A 98 -5.77 15.28 -23.51
N ILE A 99 -5.97 14.07 -22.97
CA ILE A 99 -7.10 13.82 -22.13
C ILE A 99 -7.03 14.67 -20.87
N LEU A 100 -5.88 14.71 -20.21
CA LEU A 100 -5.74 15.53 -19.00
C LEU A 100 -6.04 17.01 -19.26
N ALA A 101 -5.50 17.56 -20.35
CA ALA A 101 -5.79 18.96 -20.70
C ALA A 101 -7.26 19.16 -20.96
N GLU A 102 -7.90 18.22 -21.63
CA GLU A 102 -9.31 18.31 -21.92
C GLU A 102 -10.17 18.19 -20.66
N MET A 103 -9.77 17.31 -19.71
CA MET A 103 -10.43 17.26 -18.43
C MET A 103 -10.37 18.58 -17.65
N VAL A 104 -9.19 19.14 -17.59
CA VAL A 104 -8.99 20.41 -16.90
C VAL A 104 -9.87 21.46 -17.58
N ALA A 105 -9.84 21.51 -18.92
CA ALA A 105 -10.65 22.53 -19.62
C ALA A 105 -12.12 22.41 -19.30
N LYS A 106 -12.62 21.17 -19.35
CA LYS A 106 -14.02 20.92 -19.05
C LYS A 106 -14.43 21.33 -17.65
N SER A 107 -13.53 21.13 -16.68
CA SER A 107 -13.80 21.51 -15.29
C SER A 107 -13.83 23.02 -15.08
N GLY A 108 -13.07 23.76 -15.90
CA GLY A 108 -12.85 25.16 -15.71
C GLY A 108 -11.87 25.52 -14.60
N ILE A 109 -11.27 24.50 -13.98
CA ILE A 109 -10.37 24.73 -12.87
C ILE A 109 -9.03 25.24 -13.36
N ARG A 110 -8.62 26.41 -12.88
CA ARG A 110 -7.35 27.01 -13.25
C ARG A 110 -6.16 26.57 -12.35
N ASP A 111 -6.45 26.19 -11.10
CA ASP A 111 -5.43 25.75 -10.14
C ASP A 111 -5.86 24.35 -9.68
N ALA A 112 -5.17 23.36 -10.19
CA ALA A 112 -5.59 21.96 -10.06
C ALA A 112 -4.49 21.03 -9.52
N PHE A 113 -4.99 19.98 -8.86
CA PHE A 113 -4.28 18.75 -8.50
C PHE A 113 -4.69 17.68 -9.51
N VAL A 114 -3.72 17.08 -10.18
CA VAL A 114 -3.98 16.12 -11.20
C VAL A 114 -3.26 14.82 -10.85
N GLU A 115 -3.98 13.72 -10.75
CA GLU A 115 -3.36 12.46 -10.35
CA GLU A 115 -3.36 12.46 -10.33
C GLU A 115 -3.56 11.41 -11.45
N VAL A 116 -2.52 10.61 -11.71
CA VAL A 116 -2.55 9.57 -12.70
C VAL A 116 -2.14 8.30 -11.95
N ILE A 117 -2.97 7.25 -12.03
CA ILE A 117 -2.70 6.01 -11.31
C ILE A 117 -2.71 4.87 -12.33
N VAL A 118 -1.69 4.04 -12.30
CA VAL A 118 -1.63 2.84 -13.17
C VAL A 118 -1.53 1.60 -12.29
N THR A 119 -2.52 0.70 -12.39
CA THR A 119 -2.52 -0.46 -11.55
C THR A 119 -2.29 -1.73 -12.35
N ARG A 120 -1.93 -2.79 -11.64
CA ARG A 120 -1.76 -4.11 -12.26
C ARG A 120 -3.00 -4.59 -13.02
N GLY A 121 -4.18 -4.18 -12.58
CA GLY A 121 -5.43 -4.61 -13.22
C GLY A 121 -6.11 -5.73 -12.50
N LEU A 122 -6.83 -6.55 -13.24
CA LEU A 122 -7.70 -7.53 -12.59
C LEU A 122 -7.09 -8.85 -12.25
N THR A 123 -5.92 -9.11 -12.80
CA THR A 123 -5.24 -10.35 -12.58
C THR A 123 -4.03 -10.07 -11.67
N GLY A 124 -4.00 -10.74 -10.53
CA GLY A 124 -2.91 -10.58 -9.58
C GLY A 124 -1.68 -11.36 -9.95
N VAL A 125 -0.56 -10.94 -9.41
CA VAL A 125 0.74 -11.56 -9.75
C VAL A 125 0.83 -12.99 -9.26
N ARG A 126 0.33 -13.25 -8.04
CA ARG A 126 0.50 -14.59 -7.47
C ARG A 126 -0.21 -15.65 -8.33
N GLY A 127 0.55 -16.66 -8.72
CA GLY A 127 0.03 -17.77 -9.49
C GLY A 127 -0.06 -17.51 -10.98
N SER A 128 0.40 -16.36 -11.45
CA SER A 128 0.23 -15.97 -12.85
C SER A 128 1.54 -16.07 -13.64
N LYS A 129 1.43 -16.06 -14.96
CA LYS A 129 2.59 -15.98 -15.82
C LYS A 129 2.74 -14.49 -16.17
N PRO A 130 3.98 -14.04 -16.37
CA PRO A 130 4.22 -12.63 -16.73
C PRO A 130 3.39 -12.16 -17.93
N GLU A 131 3.19 -13.01 -18.93
CA GLU A 131 2.48 -12.55 -20.14
C GLU A 131 1.00 -12.23 -19.89
N ASP A 132 0.45 -12.75 -18.80
CA ASP A 132 -0.95 -12.50 -18.40
C ASP A 132 -1.11 -11.31 -17.46
N LEU A 133 -0.02 -10.57 -17.27
CA LEU A 133 -0.01 -9.45 -16.29
C LEU A 133 0.17 -8.05 -16.87
N TYR A 134 -0.15 -7.90 -18.17
CA TYR A 134 0.01 -6.63 -18.85
C TYR A 134 -1.29 -5.97 -19.25
N ASN A 135 -2.44 -6.48 -18.76
CA ASN A 135 -3.69 -5.77 -18.94
C ASN A 135 -3.90 -4.85 -17.71
N ASN A 136 -3.21 -3.72 -17.75
CA ASN A 136 -3.07 -2.84 -16.60
C ASN A 136 -4.06 -1.69 -16.74
N ASN A 137 -4.59 -1.20 -15.62
CA ASN A 137 -5.62 -0.18 -15.64
C ASN A 137 -5.07 1.19 -15.35
N ILE A 138 -5.77 2.20 -15.84
CA ILE A 138 -5.40 3.59 -15.60
C ILE A 138 -6.59 4.37 -15.06
N TYR A 139 -6.31 5.28 -14.12
CA TYR A 139 -7.31 6.15 -13.51
C TYR A 139 -6.72 7.55 -13.51
N LEU A 140 -7.52 8.54 -13.94
CA LEU A 140 -7.13 9.95 -13.88
C LEU A 140 -8.06 10.75 -13.03
N LEU A 141 -7.51 11.69 -12.30
CA LEU A 141 -8.29 12.48 -11.34
C LEU A 141 -7.83 13.92 -11.35
N VAL A 142 -8.77 14.85 -11.53
CA VAL A 142 -8.49 16.27 -11.46
C VAL A 142 -9.36 16.90 -10.38
N LEU A 143 -8.72 17.56 -9.43
CA LEU A 143 -9.40 18.22 -8.33
C LEU A 143 -8.91 19.66 -8.20
N PRO A 144 -9.68 20.52 -7.55
CA PRO A 144 -9.13 21.81 -7.14
C PRO A 144 -7.83 21.63 -6.37
N TYR A 145 -6.88 22.53 -6.59
CA TYR A 145 -5.50 22.43 -6.03
C TYR A 145 -5.55 22.15 -4.52
N ILE A 146 -4.74 21.18 -4.12
CA ILE A 146 -4.58 20.72 -2.73
C ILE A 146 -3.27 21.25 -2.19
N TRP A 147 -3.33 21.74 -0.95
CA TRP A 147 -2.17 22.31 -0.27
C TRP A 147 -1.69 21.40 0.88
N VAL A 148 -0.46 20.94 0.77
CA VAL A 148 0.18 20.25 1.91
C VAL A 148 0.45 21.29 3.02
N MET A 149 0.70 22.55 2.64
CA MET A 149 0.77 23.68 3.57
C MET A 149 0.00 24.79 2.92
N ALA A 150 -1.03 25.27 3.60
CA ALA A 150 -1.86 26.34 3.05
C ALA A 150 -1.06 27.62 2.87
N PRO A 151 -1.51 28.48 1.94
CA PRO A 151 -0.78 29.72 1.71
C PRO A 151 -0.54 30.57 2.98
N GLU A 152 -1.54 30.70 3.84
CA GLU A 152 -1.37 31.57 5.03
CA GLU A 152 -1.42 31.53 5.05
C GLU A 152 -0.27 31.00 5.93
N ASN A 153 -0.12 29.67 5.97
CA ASN A 153 0.91 29.08 6.79
C ASN A 153 2.29 29.19 6.19
N GLN A 154 2.38 29.30 4.87
CA GLN A 154 3.66 29.42 4.24
C GLN A 154 4.35 30.74 4.63
N LEU A 155 3.57 31.72 5.04
CA LEU A 155 4.13 33.01 5.42
C LEU A 155 5.02 32.91 6.64
N HIS A 156 4.67 32.05 7.59
CA HIS A 156 5.39 31.92 8.83
CA HIS A 156 5.46 31.94 8.80
C HIS A 156 6.09 30.57 9.02
N GLY A 157 5.72 29.61 8.19
CA GLY A 157 6.32 28.27 8.27
C GLY A 157 5.59 27.38 9.23
N GLY A 158 5.85 26.08 9.08
CA GLY A 158 5.18 25.06 9.84
C GLY A 158 6.06 24.30 10.83
N GLU A 159 5.45 23.29 11.45
CA GLU A 159 6.03 22.55 12.54
C GLU A 159 6.25 21.09 12.14
N ALA A 160 7.52 20.65 12.26
CA ALA A 160 7.89 19.29 11.90
C ALA A 160 8.44 18.55 13.10
N ILE A 161 8.45 17.23 13.01
CA ILE A 161 9.18 16.37 13.94
C ILE A 161 10.03 15.39 13.12
N ILE A 162 11.12 14.94 13.73
CA ILE A 162 11.85 13.78 13.22
C ILE A 162 11.17 12.58 13.85
N THR A 163 10.64 11.67 13.03
CA THR A 163 9.82 10.60 13.57
C THR A 163 10.64 9.61 14.39
N ARG A 164 10.04 9.14 15.48
CA ARG A 164 10.66 8.13 16.36
C ARG A 164 9.88 6.84 16.50
N THR A 165 8.64 6.81 16.01
CA THR A 165 7.80 5.63 16.03
C THR A 165 7.75 4.89 14.72
N VAL A 166 8.34 5.48 13.71
CA VAL A 166 8.30 4.96 12.35
C VAL A 166 9.57 5.39 11.63
N ARG A 167 10.00 4.58 10.67
CA ARG A 167 11.09 4.90 9.76
C ARG A 167 10.62 4.56 8.33
N ARG A 168 11.30 5.12 7.34
CA ARG A 168 10.89 4.98 5.93
C ARG A 168 11.05 3.53 5.47
N THR A 169 10.09 3.02 4.70
CA THR A 169 10.29 1.76 4.02
C THR A 169 11.64 1.78 3.28
N PRO A 170 12.51 0.80 3.54
CA PRO A 170 13.84 0.83 2.89
C PRO A 170 13.77 0.42 1.44
N PRO A 171 14.75 0.86 0.63
CA PRO A 171 14.74 0.52 -0.78
C PRO A 171 14.74 -0.98 -1.09
N GLY A 172 15.31 -1.79 -0.20
CA GLY A 172 15.30 -3.24 -0.36
C GLY A 172 13.92 -3.87 -0.19
N ALA A 173 13.04 -3.15 0.48
CA ALA A 173 11.64 -3.57 0.61
C ALA A 173 10.79 -2.99 -0.51
N PHE A 174 11.00 -1.73 -0.85
N PHE A 174 10.96 -1.71 -0.83
CA PHE A 174 10.31 -1.11 -1.99
CA PHE A 174 10.24 -1.04 -1.95
C PHE A 174 11.13 0.08 -2.46
C PHE A 174 11.18 0.04 -2.46
N ASP A 175 11.36 0.16 -3.77
CA ASP A 175 12.20 1.22 -4.36
C ASP A 175 11.45 2.55 -4.21
N PRO A 176 11.96 3.52 -3.41
CA PRO A 176 11.19 4.75 -3.18
C PRO A 176 11.24 5.69 -4.37
N THR A 177 12.04 5.38 -5.39
CA THR A 177 11.99 6.17 -6.58
C THR A 177 10.80 5.80 -7.46
N ILE A 178 10.13 4.70 -7.15
CA ILE A 178 8.85 4.29 -7.77
C ILE A 178 7.75 4.93 -6.93
N LYS A 179 7.11 5.97 -7.44
CA LYS A 179 6.09 6.65 -6.63
C LYS A 179 4.97 5.68 -6.36
N ASN A 180 4.55 5.56 -5.11
CA ASN A 180 3.59 4.53 -4.78
C ASN A 180 2.66 4.97 -3.63
N LEU A 181 1.56 4.23 -3.48
CA LEU A 181 0.52 4.57 -2.48
C LEU A 181 0.56 3.64 -1.27
N GLN A 182 1.68 2.90 -1.10
CA GLN A 182 1.83 2.00 0.07
C GLN A 182 2.40 2.87 1.19
N TRP A 183 1.50 3.67 1.77
CA TRP A 183 1.87 4.73 2.69
C TRP A 183 1.87 4.33 4.16
N GLY A 184 2.04 3.05 4.48
CA GLY A 184 1.91 2.64 5.87
C GLY A 184 2.80 3.40 6.82
N ASP A 185 4.04 3.63 6.41
CA ASP A 185 4.96 4.41 7.19
C ASP A 185 4.62 5.90 7.24
N LEU A 186 4.32 6.47 6.09
CA LEU A 186 3.99 7.87 5.97
C LEU A 186 2.72 8.26 6.75
N THR A 187 1.71 7.42 6.66
CA THR A 187 0.47 7.60 7.40
C THR A 187 0.72 7.56 8.91
N LYS A 188 1.46 6.56 9.35
CA LYS A 188 1.86 6.50 10.76
C LYS A 188 2.63 7.75 11.17
N GLY A 189 3.52 8.22 10.33
CA GLY A 189 4.23 9.47 10.59
C GLY A 189 3.29 10.63 10.83
N LEU A 190 2.24 10.74 10.01
CA LEU A 190 1.28 11.81 10.18
C LEU A 190 0.60 11.74 11.54
N PHE A 191 0.20 10.53 11.95
CA PHE A 191 -0.35 10.33 13.30
C PHE A 191 0.65 10.68 14.40
N GLU A 192 1.92 10.28 14.22
CA GLU A 192 2.95 10.61 15.23
C GLU A 192 3.06 12.13 15.36
N ALA A 193 3.09 12.85 14.26
CA ALA A 193 3.20 14.29 14.29
C ALA A 193 2.02 14.86 15.09
N MET A 194 0.83 14.41 14.79
CA MET A 194 -0.36 14.88 15.52
CA MET A 194 -0.34 14.88 15.50
CA MET A 194 -0.38 14.83 15.52
C MET A 194 -0.22 14.60 16.99
N ASP A 195 0.19 13.38 17.34
CA ASP A 195 0.35 13.01 18.76
C ASP A 195 1.35 13.93 19.49
N ARG A 196 2.40 14.36 18.79
CA ARG A 196 3.47 15.14 19.39
C ARG A 196 3.24 16.64 19.25
N GLY A 197 2.08 17.02 18.74
CA GLY A 197 1.72 18.44 18.61
C GLY A 197 2.34 19.17 17.45
N ALA A 198 2.76 18.44 16.43
CA ALA A 198 3.33 19.03 15.22
C ALA A 198 2.42 18.65 14.04
N THR A 199 2.89 18.91 12.85
CA THR A 199 2.13 18.68 11.61
C THR A 199 2.88 17.75 10.65
N TYR A 200 4.15 18.01 10.41
CA TYR A 200 4.90 17.39 9.30
C TYR A 200 5.91 16.36 9.82
N PRO A 201 5.80 15.10 9.39
CA PRO A 201 6.78 14.10 9.79
C PRO A 201 7.94 14.00 8.85
N PHE A 202 9.14 13.99 9.42
CA PHE A 202 10.37 13.78 8.65
C PHE A 202 10.88 12.39 9.03
N LEU A 203 10.83 11.42 8.11
CA LEU A 203 11.20 10.07 8.45
C LEU A 203 12.68 9.83 8.21
N THR A 204 13.28 9.13 9.15
N THR A 204 13.21 8.82 8.90
CA THR A 204 14.63 8.67 8.98
CA THR A 204 14.61 8.35 8.69
C THR A 204 14.64 7.34 8.28
C THR A 204 14.78 7.21 7.70
N ASP A 205 15.83 6.88 7.94
N ASP A 205 16.04 6.84 7.51
CA ASP A 205 15.99 5.52 7.44
CA ASP A 205 16.38 5.71 6.70
C ASP A 205 16.29 4.51 8.56
C ASP A 205 16.64 4.49 7.56
N GLY A 206 16.21 4.95 9.81
N GLY A 206 16.24 4.54 8.84
CA GLY A 206 16.52 4.11 10.95
CA GLY A 206 16.50 3.42 9.75
C GLY A 206 18.02 4.02 11.17
C GLY A 206 17.97 3.34 10.16
N ASP A 207 18.78 4.43 10.16
N ASP A 207 18.73 4.39 9.88
CA ASP A 207 20.26 4.32 10.19
CA ASP A 207 20.20 4.33 10.06
C ASP A 207 20.88 5.68 10.32
C ASP A 207 20.87 5.69 10.29
N THR A 208 20.14 6.61 10.91
CA THR A 208 20.67 7.94 11.30
CA THR A 208 20.58 7.93 11.31
C THR A 208 20.54 9.01 10.26
N ASN A 209 19.95 8.72 9.09
CA ASN A 209 19.84 9.75 8.04
C ASN A 209 18.43 10.14 7.72
N LEU A 210 18.27 11.36 7.23
CA LEU A 210 16.96 11.82 6.78
C LEU A 210 16.56 11.23 5.43
N THR A 211 15.26 10.99 5.26
CA THR A 211 14.74 10.58 3.96
C THR A 211 13.79 11.64 3.45
N GLU A 212 12.50 11.42 3.60
CA GLU A 212 11.46 12.30 3.08
C GLU A 212 10.29 12.25 4.05
N GLY A 213 9.21 12.94 3.72
CA GLY A 213 8.00 12.89 4.51
C GLY A 213 6.79 12.48 3.74
N SER A 214 5.64 12.71 4.38
CA SER A 214 4.31 12.36 3.88
CA SER A 214 4.36 12.30 3.87
C SER A 214 3.83 13.27 2.78
N GLY A 215 4.37 13.07 1.60
CA GLY A 215 4.06 13.86 0.42
C GLY A 215 5.03 14.97 0.06
N PHE A 216 6.29 14.87 0.50
CA PHE A 216 7.23 15.95 0.25
C PHE A 216 8.66 15.42 0.40
N ASN A 217 9.58 16.10 -0.30
CA ASN A 217 11.02 15.98 -0.03
C ASN A 217 11.42 17.04 1.02
N ILE A 218 12.55 16.78 1.68
CA ILE A 218 13.08 17.62 2.73
C ILE A 218 14.35 18.29 2.24
N VAL A 219 14.47 19.59 2.54
CA VAL A 219 15.64 20.38 2.13
C VAL A 219 16.16 21.16 3.33
N LEU A 220 17.47 21.05 3.58
CA LEU A 220 18.13 21.85 4.63
C LEU A 220 19.02 22.91 4.01
N VAL A 221 19.19 24.02 4.74
CA VAL A 221 20.04 25.12 4.28
C VAL A 221 20.97 25.43 5.47
N LYS A 222 22.29 25.42 5.21
CA LYS A 222 23.28 25.72 6.23
C LYS A 222 24.46 26.47 5.59
N ASN A 223 24.79 27.60 6.18
CA ASN A 223 25.92 28.44 5.72
C ASN A 223 25.87 28.69 4.21
N GLY A 224 24.68 28.97 3.68
CA GLY A 224 24.50 29.32 2.30
C GLY A 224 24.45 28.22 1.25
N ILE A 225 24.39 26.97 1.74
CA ILE A 225 24.45 25.80 0.91
C ILE A 225 23.17 24.99 1.20
N ILE A 226 22.59 24.45 0.14
CA ILE A 226 21.36 23.65 0.21
C ILE A 226 21.73 22.18 0.17
N TYR A 227 21.08 21.38 1.05
CA TYR A 227 21.35 19.94 1.20
C TYR A 227 20.03 19.17 1.12
N THR A 228 20.03 18.08 0.38
CA THR A 228 18.83 17.21 0.34
C THR A 228 19.24 15.75 0.12
N PRO A 229 18.52 14.81 0.78
CA PRO A 229 18.91 13.42 0.65
C PRO A 229 18.94 12.91 -0.80
N ASP A 230 19.93 12.07 -1.07
CA ASP A 230 20.14 11.53 -2.42
CA ASP A 230 20.24 11.51 -2.36
C ASP A 230 19.74 10.08 -2.57
N ARG A 231 19.24 9.44 -1.52
CA ARG A 231 18.79 8.08 -1.64
CA ARG A 231 18.89 8.03 -1.54
C ARG A 231 17.72 7.82 -0.60
N GLY A 232 16.91 6.79 -0.83
CA GLY A 232 15.83 6.49 0.07
C GLY A 232 14.56 7.30 -0.12
N VAL A 233 14.51 8.08 -1.20
CA VAL A 233 13.47 9.04 -1.43
C VAL A 233 13.00 9.07 -2.89
N LEU A 234 11.82 9.70 -3.10
CA LEU A 234 11.37 10.02 -4.45
C LEU A 234 12.25 11.12 -5.02
N ARG A 235 12.62 11.00 -6.30
CA ARG A 235 13.29 12.11 -6.99
C ARG A 235 12.22 13.11 -7.40
N GLY A 236 11.86 13.97 -6.45
CA GLY A 236 10.76 14.91 -6.63
C GLY A 236 10.99 15.85 -7.80
N ILE A 237 9.93 16.16 -8.53
CA ILE A 237 9.96 17.19 -9.60
CA ILE A 237 10.05 17.17 -9.58
C ILE A 237 10.06 18.56 -8.97
N THR A 238 9.47 18.73 -7.79
CA THR A 238 9.67 19.99 -7.09
C THR A 238 11.14 20.14 -6.68
N ARG A 239 11.72 19.07 -6.12
CA ARG A 239 13.12 19.05 -5.78
C ARG A 239 14.01 19.34 -6.99
N LYS A 240 13.62 18.80 -8.15
CA LYS A 240 14.36 19.05 -9.38
C LYS A 240 14.27 20.54 -9.71
N SER A 241 13.09 21.13 -9.54
CA SER A 241 12.92 22.58 -9.75
C SER A 241 13.71 23.43 -8.76
N VAL A 242 13.83 22.97 -7.51
CA VAL A 242 14.64 23.64 -6.53
C VAL A 242 16.08 23.68 -7.00
N ILE A 243 16.58 22.56 -7.51
CA ILE A 243 17.95 22.47 -8.02
C ILE A 243 18.12 23.45 -9.20
N ASP A 244 17.12 23.52 -10.08
CA ASP A 244 17.14 24.51 -11.19
C ASP A 244 17.25 25.94 -10.70
N VAL A 245 16.45 26.28 -9.69
CA VAL A 245 16.45 27.64 -9.16
C VAL A 245 17.77 27.93 -8.44
N ALA A 246 18.26 26.96 -7.63
CA ALA A 246 19.54 27.16 -6.93
C ALA A 246 20.64 27.40 -7.95
N ARG A 247 20.68 26.61 -9.01
CA ARG A 247 21.73 26.78 -10.03
C ARG A 247 21.64 28.13 -10.70
N ALA A 248 20.42 28.56 -11.00
CA ALA A 248 20.23 29.86 -11.67
C ALA A 248 20.68 31.00 -10.77
N ASN A 249 20.71 30.79 -9.46
CA ASN A 249 21.09 31.78 -8.49
C ASN A 249 22.50 31.56 -7.94
N SER A 250 23.26 30.64 -8.53
CA SER A 250 24.57 30.30 -8.01
C SER A 250 24.59 30.00 -6.52
N ILE A 251 23.58 29.24 -6.06
CA ILE A 251 23.55 28.70 -4.72
C ILE A 251 23.93 27.23 -4.83
N ASP A 252 24.94 26.84 -4.07
CA ASP A 252 25.46 25.46 -4.12
CA ASP A 252 25.46 25.48 -4.08
C ASP A 252 24.36 24.55 -3.54
N ILE A 253 24.14 23.45 -4.22
CA ILE A 253 23.13 22.49 -3.72
C ILE A 253 23.79 21.13 -3.74
N ARG A 254 23.65 20.38 -2.63
CA ARG A 254 24.32 19.10 -2.49
C ARG A 254 23.27 18.00 -2.29
N LEU A 255 23.26 17.08 -3.23
CA LEU A 255 22.43 15.87 -3.12
CA LEU A 255 22.45 15.89 -3.18
C LEU A 255 23.33 14.81 -2.57
N GLU A 256 23.10 14.43 -1.33
CA GLU A 256 23.99 13.53 -0.64
C GLU A 256 23.30 12.96 0.59
N VAL A 257 23.97 12.08 1.31
CA VAL A 257 23.37 11.60 2.57
C VAL A 257 23.34 12.76 3.54
N VAL A 258 22.20 12.98 4.19
CA VAL A 258 21.96 14.05 5.13
C VAL A 258 21.67 13.46 6.51
N PRO A 259 22.67 13.50 7.41
CA PRO A 259 22.47 12.99 8.76
C PRO A 259 21.34 13.74 9.48
N VAL A 260 20.56 13.00 10.27
CA VAL A 260 19.51 13.58 11.10
C VAL A 260 20.03 14.76 11.94
N GLU A 261 21.25 14.60 12.45
CA GLU A 261 21.86 15.63 13.26
C GLU A 261 21.84 17.01 12.59
N GLN A 262 22.06 17.04 11.28
N GLN A 262 22.07 17.01 11.28
CA GLN A 262 22.16 18.33 10.59
CA GLN A 262 22.17 18.22 10.50
C GLN A 262 20.88 19.14 10.68
C GLN A 262 20.90 19.10 10.60
N ALA A 263 19.74 18.47 10.78
CA ALA A 263 18.46 19.20 10.82
C ALA A 263 18.42 20.11 12.06
N TYR A 264 19.09 19.70 13.13
CA TYR A 264 19.04 20.43 14.40
C TYR A 264 19.89 21.67 14.41
N HIS A 265 20.74 21.86 13.40
CA HIS A 265 21.65 23.02 13.30
CA HIS A 265 21.59 23.05 13.34
C HIS A 265 21.39 23.85 12.06
N SER A 266 20.36 23.50 11.28
CA SER A 266 20.08 24.18 10.03
C SER A 266 19.77 25.68 10.22
N ASP A 267 20.21 26.47 9.26
CA ASP A 267 19.84 27.88 9.18
C ASP A 267 18.42 28.04 8.69
N GLU A 268 18.00 27.14 7.79
CA GLU A 268 16.65 27.12 7.26
C GLU A 268 16.29 25.66 6.89
N ILE A 269 14.99 25.37 6.90
CA ILE A 269 14.46 24.07 6.42
C ILE A 269 13.22 24.38 5.60
N PHE A 270 13.07 23.67 4.49
CA PHE A 270 11.81 23.67 3.81
C PHE A 270 11.49 22.30 3.22
N MET A 271 10.20 22.10 3.00
CA MET A 271 9.70 20.90 2.32
C MET A 271 9.33 21.27 0.90
N CYS A 272 9.33 20.32 -0.03
CA CYS A 272 8.94 20.66 -1.39
C CYS A 272 8.08 19.58 -1.99
N THR A 273 7.02 20.00 -2.69
CA THR A 273 6.06 19.05 -3.25
C THR A 273 5.24 19.72 -4.34
N THR A 274 4.66 18.89 -5.21
CA THR A 274 3.74 19.40 -6.22
C THR A 274 2.50 20.03 -5.61
N ALA A 275 1.99 19.46 -4.53
CA ALA A 275 0.77 19.96 -3.89
C ALA A 275 1.12 21.01 -2.82
N GLY A 276 1.57 22.16 -3.31
CA GLY A 276 1.86 23.31 -2.43
C GLY A 276 3.15 24.05 -2.68
N GLY A 277 4.12 23.40 -3.32
CA GLY A 277 5.37 24.03 -3.71
C GLY A 277 6.44 24.02 -2.65
N ILE A 278 6.87 25.19 -2.20
CA ILE A 278 8.00 25.39 -1.31
C ILE A 278 7.45 25.83 0.05
N MET A 279 7.64 24.96 1.06
CA MET A 279 6.87 25.04 2.31
C MET A 279 7.83 25.14 3.49
N PRO A 280 8.03 26.33 4.05
CA PRO A 280 9.02 26.50 5.11
C PRO A 280 8.66 25.77 6.38
N ILE A 281 9.68 25.25 7.05
CA ILE A 281 9.54 24.70 8.38
C ILE A 281 10.35 25.54 9.36
N THR A 282 9.66 26.10 10.35
CA THR A 282 10.30 27.02 11.30
C THR A 282 10.31 26.51 12.73
N LEU A 283 9.73 25.32 12.96
CA LEU A 283 9.82 24.64 14.26
C LEU A 283 10.11 23.17 13.98
N LEU A 284 11.03 22.62 14.74
CA LEU A 284 11.46 21.22 14.59
C LEU A 284 11.51 20.63 15.98
N ASP A 285 10.80 19.54 16.21
CA ASP A 285 10.78 18.88 17.53
C ASP A 285 10.49 19.94 18.62
N GLY A 286 9.62 20.87 18.27
CA GLY A 286 9.15 21.86 19.26
C GLY A 286 10.06 23.04 19.52
N GLN A 287 11.19 23.10 18.81
CA GLN A 287 12.18 24.17 18.97
C GLN A 287 12.35 24.94 17.68
N PRO A 288 12.66 26.22 17.79
CA PRO A 288 12.85 26.99 16.57
C PRO A 288 13.98 26.44 15.69
N VAL A 289 13.74 26.55 14.38
CA VAL A 289 14.76 26.34 13.39
C VAL A 289 15.50 27.68 13.28
N ASN A 290 16.77 27.69 13.70
CA ASN A 290 17.58 28.93 13.76
C ASN A 290 16.83 29.98 14.58
N ASP A 291 16.47 31.11 13.99
CA ASP A 291 15.72 32.16 14.66
C ASP A 291 14.21 32.03 14.56
N GLY A 292 13.71 30.93 14.00
CA GLY A 292 12.26 30.76 13.89
C GLY A 292 11.59 31.50 12.74
N GLN A 293 12.37 32.17 11.89
CA GLN A 293 11.84 32.91 10.78
C GLN A 293 12.06 32.17 9.47
N VAL A 294 11.20 32.45 8.50
CA VAL A 294 11.40 31.97 7.13
C VAL A 294 12.67 32.64 6.60
N GLY A 295 13.58 31.83 6.09
CA GLY A 295 14.91 32.26 5.71
C GLY A 295 15.02 32.86 4.29
N PRO A 296 16.15 33.56 4.03
CA PRO A 296 16.31 34.23 2.74
C PRO A 296 16.51 33.29 1.54
N ILE A 297 17.19 32.15 1.74
CA ILE A 297 17.36 31.21 0.66
C ILE A 297 16.02 30.54 0.33
N THR A 298 15.25 30.21 1.37
CA THR A 298 13.89 29.64 1.18
C THR A 298 13.07 30.62 0.33
N LYS A 299 13.14 31.91 0.67
CA LYS A 299 12.37 32.89 -0.08
C LYS A 299 12.83 33.00 -1.52
N LYS A 300 14.14 32.94 -1.77
CA LYS A 300 14.64 32.99 -3.15
CA LYS A 300 14.64 32.99 -3.13
C LYS A 300 14.18 31.77 -3.94
N ILE A 301 14.20 30.60 -3.30
CA ILE A 301 13.73 29.36 -3.96
C ILE A 301 12.22 29.44 -4.27
N TRP A 302 11.45 29.91 -3.31
CA TRP A 302 10.01 30.08 -3.44
C TRP A 302 9.73 30.98 -4.65
N ASP A 303 10.36 32.14 -4.68
CA ASP A 303 10.15 33.08 -5.79
CA ASP A 303 10.18 33.08 -5.80
C ASP A 303 10.49 32.45 -7.15
N GLY A 304 11.64 31.83 -7.26
CA GLY A 304 12.06 31.22 -8.53
C GLY A 304 11.19 30.07 -8.97
N TYR A 305 10.72 29.31 -7.97
CA TYR A 305 9.81 28.19 -8.25
C TYR A 305 8.54 28.66 -8.92
N TRP A 306 7.89 29.66 -8.32
CA TRP A 306 6.63 30.14 -8.88
C TRP A 306 6.88 30.83 -10.24
N GLU A 307 8.00 31.48 -10.41
CA GLU A 307 8.35 32.10 -11.71
CA GLU A 307 8.32 32.09 -11.71
C GLU A 307 8.41 31.04 -12.83
N MET A 308 8.95 29.85 -12.51
CA MET A 308 9.04 28.76 -13.46
CA MET A 308 9.05 28.73 -13.46
C MET A 308 7.69 28.32 -14.03
N HIS A 309 6.59 28.59 -13.31
CA HIS A 309 5.26 28.22 -13.73
C HIS A 309 4.76 28.99 -14.92
N TYR A 310 5.48 30.07 -15.23
CA TYR A 310 5.16 30.92 -16.40
C TYR A 310 6.20 30.81 -17.48
N ASN A 311 7.20 29.97 -17.28
CA ASN A 311 8.27 29.77 -18.25
C ASN A 311 7.87 28.71 -19.21
N PRO A 312 7.80 29.02 -20.53
CA PRO A 312 7.39 27.99 -21.49
C PRO A 312 8.28 26.73 -21.58
N ALA A 313 9.49 26.79 -21.06
CA ALA A 313 10.34 25.60 -21.04
C ALA A 313 9.81 24.57 -20.02
N TYR A 314 9.02 25.05 -19.05
CA TYR A 314 8.55 24.20 -17.95
C TYR A 314 7.03 24.12 -17.85
N SER A 315 6.29 24.80 -18.73
CA SER A 315 4.87 24.90 -18.57
C SER A 315 4.19 25.17 -19.91
N PHE A 316 2.89 24.92 -19.97
CA PHE A 316 2.05 25.32 -21.13
C PHE A 316 0.65 25.64 -20.66
N PRO A 317 -0.05 26.56 -21.35
CA PRO A 317 -1.43 26.94 -20.99
C PRO A 317 -2.44 25.95 -21.49
N VAL A 318 -3.41 25.62 -20.64
CA VAL A 318 -4.56 24.90 -21.05
C VAL A 318 -5.52 25.84 -21.82
N ASP A 319 -6.12 25.29 -22.85
CA ASP A 319 -7.13 26.05 -23.64
C ASP A 319 -8.50 25.80 -23.07
N TYR A 320 -9.04 26.79 -22.35
CA TYR A 320 -10.33 26.66 -21.73
C TYR A 320 -11.48 27.01 -22.70
N GLY A 321 -11.15 27.40 -23.92
CA GLY A 321 -12.20 27.66 -24.95
C GLY A 321 -12.68 29.08 -24.86
N ALA B 2 -7.32 -35.73 7.92
CA ALA B 2 -7.89 -37.07 7.49
C ALA B 2 -6.86 -37.91 6.76
N SER B 3 -6.74 -37.67 5.45
CA SER B 3 -5.67 -38.26 4.64
C SER B 3 -5.66 -37.41 3.37
N MET B 4 -4.49 -37.20 2.77
CA MET B 4 -4.38 -36.33 1.57
CA MET B 4 -4.35 -36.36 1.58
C MET B 4 -5.49 -36.73 0.62
N ASP B 5 -5.51 -37.99 0.23
CA ASP B 5 -6.53 -38.56 -0.64
C ASP B 5 -7.98 -38.10 -0.27
N LYS B 6 -8.48 -38.48 0.92
CA LYS B 6 -9.84 -38.11 1.50
C LYS B 6 -10.29 -36.60 1.53
N VAL B 7 -9.42 -35.76 2.07
CA VAL B 7 -9.65 -34.31 2.08
C VAL B 7 -9.81 -33.81 0.67
N PHE B 8 -8.87 -34.15 -0.19
CA PHE B 8 -8.91 -33.65 -1.56
C PHE B 8 -10.02 -34.26 -2.41
N SER B 9 -10.28 -35.56 -2.25
CA SER B 9 -11.37 -36.20 -3.02
CA SER B 9 -11.36 -36.18 -3.04
C SER B 9 -12.72 -35.57 -2.66
N GLY B 10 -12.92 -35.28 -1.37
CA GLY B 10 -14.13 -34.60 -0.93
C GLY B 10 -14.27 -33.25 -1.61
N TYR B 11 -13.19 -32.47 -1.58
CA TYR B 11 -13.19 -31.16 -2.24
C TYR B 11 -13.56 -31.25 -3.71
N TYR B 12 -12.93 -32.17 -4.43
CA TYR B 12 -13.19 -32.27 -5.86
C TYR B 12 -14.63 -32.71 -6.16
N ALA B 13 -15.23 -33.48 -5.28
CA ALA B 13 -16.61 -33.92 -5.45
C ALA B 13 -17.54 -32.73 -5.20
N ARG B 14 -17.22 -31.92 -4.20
CA ARG B 14 -18.04 -30.70 -3.95
C ARG B 14 -17.88 -29.70 -5.08
N GLN B 15 -16.68 -29.58 -5.63
CA GLN B 15 -16.45 -28.69 -6.79
C GLN B 15 -17.27 -29.09 -8.01
N LYS B 16 -17.36 -30.40 -8.28
CA LYS B 16 -18.18 -30.85 -9.42
C LYS B 16 -19.62 -30.37 -9.29
N LEU B 17 -20.17 -30.51 -8.11
N LEU B 17 -20.17 -30.49 -8.08
CA LEU B 17 -21.50 -30.02 -7.82
CA LEU B 17 -21.52 -30.03 -7.78
C LEU B 17 -21.60 -28.50 -7.98
C LEU B 17 -21.68 -28.50 -7.81
N LEU B 18 -20.64 -27.77 -7.42
CA LEU B 18 -20.67 -26.30 -7.47
C LEU B 18 -20.61 -25.80 -8.90
N GLU B 19 -19.78 -26.44 -9.73
CA GLU B 19 -19.64 -26.04 -11.14
C GLU B 19 -20.93 -26.21 -11.94
N ARG B 20 -21.79 -27.14 -11.53
CA ARG B 20 -23.08 -27.38 -12.19
C ARG B 20 -24.19 -26.46 -11.70
N SER B 21 -23.92 -25.67 -10.65
CA SER B 21 -24.95 -24.80 -10.12
C SER B 21 -25.33 -23.72 -11.13
N ASP B 22 -26.61 -23.36 -11.15
CA ASP B 22 -27.06 -22.20 -11.93
C ASP B 22 -27.26 -20.94 -11.06
N ASN B 23 -26.90 -21.02 -9.80
CA ASN B 23 -26.94 -19.84 -8.91
C ASN B 23 -25.84 -18.89 -9.36
N PRO B 24 -26.16 -17.65 -9.78
CA PRO B 24 -25.10 -16.73 -10.17
C PRO B 24 -24.06 -16.47 -9.06
N PHE B 25 -24.47 -16.60 -7.80
CA PHE B 25 -23.53 -16.39 -6.70
C PHE B 25 -22.62 -17.59 -6.47
N SER B 26 -22.75 -18.64 -7.28
CA SER B 26 -21.84 -19.77 -7.15
CA SER B 26 -21.83 -19.76 -7.16
C SER B 26 -20.39 -19.37 -7.49
N LYS B 27 -20.21 -18.25 -8.21
CA LYS B 27 -18.91 -17.71 -8.54
C LYS B 27 -18.38 -16.74 -7.47
N GLY B 28 -19.21 -16.48 -6.46
CA GLY B 28 -18.84 -15.58 -5.37
C GLY B 28 -19.87 -14.51 -5.14
N ILE B 29 -19.67 -13.76 -4.05
CA ILE B 29 -20.58 -12.72 -3.62
C ILE B 29 -19.83 -11.71 -2.76
N ALA B 30 -20.17 -10.43 -2.87
CA ALA B 30 -19.49 -9.38 -2.17
C ALA B 30 -20.51 -8.48 -1.51
N TYR B 31 -20.08 -7.83 -0.43
CA TYR B 31 -20.86 -6.83 0.29
C TYR B 31 -20.18 -5.47 0.15
N VAL B 32 -20.91 -4.50 -0.44
CA VAL B 32 -20.40 -3.15 -0.64
C VAL B 32 -21.55 -2.19 -0.34
N GLU B 33 -21.35 -1.32 0.65
CA GLU B 33 -22.29 -0.22 0.96
C GLU B 33 -23.69 -0.75 1.23
N GLY B 34 -23.74 -1.83 1.98
CA GLY B 34 -24.98 -2.44 2.39
C GLY B 34 -25.63 -3.37 1.41
N LYS B 35 -25.05 -3.52 0.23
CA LYS B 35 -25.63 -4.32 -0.83
C LYS B 35 -24.82 -5.55 -1.16
N LEU B 36 -25.52 -6.62 -1.52
CA LEU B 36 -24.90 -7.89 -1.97
C LEU B 36 -24.84 -7.91 -3.46
N VAL B 37 -23.63 -8.12 -4.01
CA VAL B 37 -23.42 -8.00 -5.45
CA VAL B 37 -23.35 -7.93 -5.42
C VAL B 37 -22.43 -9.07 -5.91
N LEU B 38 -22.39 -9.35 -7.22
CA LEU B 38 -21.38 -10.29 -7.76
C LEU B 38 -20.00 -9.63 -7.62
N PRO B 39 -18.96 -10.40 -7.34
CA PRO B 39 -17.66 -9.75 -7.19
C PRO B 39 -17.18 -8.97 -8.41
N SER B 40 -17.42 -9.48 -9.61
CA SER B 40 -17.02 -8.77 -10.83
CA SER B 40 -17.01 -8.77 -10.81
C SER B 40 -17.76 -7.45 -11.01
N ASP B 41 -18.94 -7.33 -10.42
CA ASP B 41 -19.69 -6.10 -10.43
C ASP B 41 -19.41 -5.15 -9.30
N ALA B 42 -18.74 -5.60 -8.24
CA ALA B 42 -18.51 -4.82 -7.04
C ALA B 42 -17.60 -3.64 -7.35
N ARG B 43 -17.96 -2.47 -6.85
CA ARG B 43 -17.22 -1.25 -7.16
C ARG B 43 -17.09 -0.43 -5.91
N ILE B 44 -15.87 0.01 -5.63
CA ILE B 44 -15.60 0.79 -4.45
CA ILE B 44 -15.71 0.84 -4.47
C ILE B 44 -15.21 2.24 -4.83
N PRO B 45 -15.46 3.20 -3.93
CA PRO B 45 -15.15 4.59 -4.29
C PRO B 45 -13.70 4.78 -4.63
N LEU B 46 -13.43 5.45 -5.75
CA LEU B 46 -12.07 5.82 -6.10
C LEU B 46 -11.39 6.59 -4.95
N LEU B 47 -12.14 7.45 -4.27
CA LEU B 47 -11.57 8.29 -3.22
C LEU B 47 -11.46 7.55 -1.84
N ASP B 48 -11.84 6.29 -1.77
CA ASP B 48 -11.65 5.51 -0.54
C ASP B 48 -10.13 5.45 -0.25
N GLU B 49 -9.74 5.75 0.97
CA GLU B 49 -8.35 5.72 1.40
C GLU B 49 -7.72 4.34 1.36
N GLY B 50 -8.52 3.28 1.33
CA GLY B 50 -8.00 1.99 1.05
C GLY B 50 -7.34 1.84 -0.30
N PHE B 51 -7.83 2.64 -1.25
CA PHE B 51 -7.23 2.71 -2.55
C PHE B 51 -6.21 3.86 -2.58
N MET B 52 -6.61 5.06 -2.14
CA MET B 52 -5.80 6.27 -2.30
CA MET B 52 -5.78 6.23 -2.36
C MET B 52 -4.47 6.21 -1.56
N HIS B 53 -4.41 5.46 -0.43
CA HIS B 53 -3.15 5.32 0.35
C HIS B 53 -2.99 3.95 0.98
N SER B 54 -3.64 2.93 0.41
CA SER B 54 -3.68 1.57 0.95
C SER B 54 -3.84 1.59 2.46
N ASP B 55 -4.75 2.45 2.91
CA ASP B 55 -4.89 2.72 4.34
C ASP B 55 -5.97 1.81 4.90
N LEU B 56 -5.58 0.57 5.14
CA LEU B 56 -6.52 -0.51 5.39
C LEU B 56 -5.81 -1.65 6.12
N THR B 57 -6.63 -2.49 6.74
CA THR B 57 -6.25 -3.83 7.18
C THR B 57 -7.26 -4.81 6.61
N TYR B 58 -6.91 -6.09 6.67
CA TYR B 58 -7.78 -7.12 6.15
C TYR B 58 -7.59 -8.40 6.90
N ASP B 59 -8.46 -9.36 6.61
CA ASP B 59 -8.22 -10.72 7.09
C ASP B 59 -8.91 -11.69 6.12
N VAL B 60 -8.47 -12.95 6.16
CA VAL B 60 -9.01 -13.99 5.28
C VAL B 60 -9.31 -15.23 6.12
N ILE B 61 -10.53 -15.74 5.97
CA ILE B 61 -11.04 -16.91 6.70
C ILE B 61 -11.47 -17.95 5.67
N SER B 62 -11.34 -19.24 6.01
CA SER B 62 -11.85 -20.26 5.13
C SER B 62 -13.13 -20.91 5.63
N VAL B 63 -13.90 -21.37 4.67
CA VAL B 63 -15.02 -22.34 4.90
C VAL B 63 -14.57 -23.61 4.19
N TRP B 64 -14.64 -24.74 4.91
CA TRP B 64 -14.22 -26.02 4.36
C TRP B 64 -15.31 -27.04 4.64
N ASP B 65 -15.80 -27.66 3.58
CA ASP B 65 -16.89 -28.67 3.70
C ASP B 65 -18.05 -28.06 4.48
N GLY B 66 -18.36 -26.79 4.16
CA GLY B 66 -19.48 -26.10 4.76
C GLY B 66 -19.28 -25.61 6.21
N ARG B 67 -18.06 -25.68 6.74
CA ARG B 67 -17.73 -25.30 8.11
C ARG B 67 -16.73 -24.11 8.10
N PHE B 68 -17.13 -23.01 8.68
CA PHE B 68 -16.18 -21.90 8.94
C PHE B 68 -15.08 -22.41 9.87
N PHE B 69 -13.82 -22.05 9.57
CA PHE B 69 -12.68 -22.49 10.38
C PHE B 69 -12.04 -21.34 11.12
N ARG B 70 -12.14 -21.37 12.46
CA ARG B 70 -11.52 -20.37 13.35
C ARG B 70 -11.94 -18.94 13.04
N LEU B 71 -13.21 -18.77 12.70
CA LEU B 71 -13.69 -17.42 12.37
C LEU B 71 -13.46 -16.46 13.53
N ASP B 72 -13.72 -16.92 14.76
CA ASP B 72 -13.55 -16.03 15.88
C ASP B 72 -12.12 -15.56 16.05
N ASP B 73 -11.14 -16.43 15.79
CA ASP B 73 -9.72 -16.03 15.90
CA ASP B 73 -9.74 -16.01 15.93
C ASP B 73 -9.37 -14.98 14.86
N HIS B 74 -9.87 -15.17 13.65
CA HIS B 74 -9.63 -14.18 12.58
C HIS B 74 -10.27 -12.84 12.91
N LEU B 75 -11.50 -12.85 13.39
CA LEU B 75 -12.14 -11.58 13.74
C LEU B 75 -11.46 -10.88 14.89
N GLN B 76 -10.95 -11.62 15.90
CA GLN B 76 -10.17 -11.00 16.96
CA GLN B 76 -10.18 -10.97 16.96
C GLN B 76 -8.91 -10.36 16.40
N ARG B 77 -8.28 -11.07 15.46
CA ARG B 77 -7.04 -10.52 14.88
C ARG B 77 -7.35 -9.23 14.12
N ILE B 78 -8.42 -9.19 13.32
CA ILE B 78 -8.68 -7.95 12.57
C ILE B 78 -9.08 -6.82 13.52
N LEU B 79 -9.76 -7.13 14.63
CA LEU B 79 -10.02 -6.10 15.62
C LEU B 79 -8.75 -5.52 16.17
N GLU B 80 -7.75 -6.39 16.44
CA GLU B 80 -6.44 -5.93 16.92
C GLU B 80 -5.71 -5.10 15.85
N SER B 81 -5.79 -5.57 14.63
CA SER B 81 -5.19 -4.82 13.49
C SER B 81 -5.78 -3.43 13.42
N CYS B 82 -7.10 -3.35 13.48
CA CYS B 82 -7.80 -2.04 13.45
C CYS B 82 -7.29 -1.14 14.59
N ASP B 83 -7.25 -1.66 15.82
CA ASP B 83 -6.74 -0.87 16.93
CA ASP B 83 -6.75 -0.90 16.95
C ASP B 83 -5.34 -0.33 16.67
N LYS B 84 -4.45 -1.18 16.17
CA LYS B 84 -3.08 -0.78 15.87
C LYS B 84 -3.03 0.31 14.77
N MET B 85 -3.97 0.25 13.85
CA MET B 85 -4.10 1.19 12.72
CA MET B 85 -4.02 1.26 12.77
C MET B 85 -4.89 2.45 13.07
N ARG B 86 -5.44 2.52 14.27
CA ARG B 86 -6.32 3.58 14.67
CA ARG B 86 -6.41 3.57 14.68
C ARG B 86 -7.60 3.61 13.76
N LEU B 87 -8.02 2.44 13.29
CA LEU B 87 -9.27 2.27 12.56
C LEU B 87 -10.30 1.75 13.52
N LYS B 88 -11.56 2.01 13.22
CA LYS B 88 -12.68 1.46 13.97
C LYS B 88 -13.32 0.42 13.10
N PHE B 89 -13.35 -0.84 13.53
CA PHE B 89 -14.01 -1.90 12.77
C PHE B 89 -15.52 -1.60 12.71
N PRO B 90 -16.08 -1.46 11.51
CA PRO B 90 -17.36 -0.74 11.47
C PRO B 90 -18.59 -1.51 11.91
N LEU B 91 -18.53 -2.82 11.96
CA LEU B 91 -19.67 -3.68 12.24
C LEU B 91 -19.45 -4.40 13.55
N ALA B 92 -20.49 -4.58 14.35
CA ALA B 92 -20.41 -5.51 15.46
C ALA B 92 -19.99 -6.89 15.00
N LEU B 93 -19.19 -7.57 15.82
CA LEU B 93 -18.78 -8.94 15.40
C LEU B 93 -19.92 -9.91 15.20
N SER B 94 -20.95 -9.80 16.04
CA SER B 94 -22.12 -10.65 15.87
C SER B 94 -22.73 -10.50 14.48
N SER B 95 -22.85 -9.25 14.03
CA SER B 95 -23.45 -8.98 12.74
C SER B 95 -22.50 -9.31 11.59
N VAL B 96 -21.20 -9.08 11.72
CA VAL B 96 -20.35 -9.49 10.59
C VAL B 96 -20.40 -11.00 10.43
N LYS B 97 -20.45 -11.75 11.54
CA LYS B 97 -20.56 -13.20 11.44
CA LYS B 97 -20.54 -13.21 11.41
C LYS B 97 -21.86 -13.59 10.76
N ASN B 98 -22.95 -12.94 11.13
CA ASN B 98 -24.23 -13.29 10.54
C ASN B 98 -24.29 -12.95 9.05
N ILE B 99 -23.72 -11.79 8.68
CA ILE B 99 -23.73 -11.40 7.28
C ILE B 99 -22.83 -12.33 6.47
N LEU B 100 -21.65 -12.62 6.98
CA LEU B 100 -20.77 -13.56 6.24
C LEU B 100 -21.41 -14.92 6.05
N ALA B 101 -22.05 -15.44 7.11
CA ALA B 101 -22.71 -16.74 6.97
C ALA B 101 -23.85 -16.70 5.98
N GLU B 102 -24.61 -15.62 5.96
CA GLU B 102 -25.67 -15.39 4.98
C GLU B 102 -25.10 -15.36 3.56
N MET B 103 -23.99 -14.66 3.39
CA MET B 103 -23.34 -14.60 2.09
C MET B 103 -22.88 -15.95 1.61
N VAL B 104 -22.23 -16.71 2.48
CA VAL B 104 -21.79 -18.06 2.15
C VAL B 104 -23.01 -18.93 1.79
N ALA B 105 -24.06 -18.87 2.62
CA ALA B 105 -25.27 -19.64 2.34
C ALA B 105 -25.88 -19.28 1.00
N LYS B 106 -25.92 -17.99 0.68
CA LYS B 106 -26.52 -17.53 -0.56
CA LYS B 106 -26.52 -17.53 -0.57
C LYS B 106 -25.75 -18.02 -1.77
N SER B 107 -24.44 -18.10 -1.63
CA SER B 107 -23.57 -18.56 -2.71
C SER B 107 -23.67 -20.06 -2.97
N GLY B 108 -24.03 -20.82 -1.96
CA GLY B 108 -23.91 -22.28 -2.03
C GLY B 108 -22.51 -22.87 -2.00
N ILE B 109 -21.49 -22.03 -1.83
CA ILE B 109 -20.11 -22.52 -1.85
C ILE B 109 -19.78 -23.20 -0.54
N ARG B 110 -19.36 -24.46 -0.60
CA ARG B 110 -18.97 -25.23 0.59
C ARG B 110 -17.50 -25.06 0.99
N ASP B 111 -16.66 -24.72 0.02
CA ASP B 111 -15.24 -24.53 0.20
C ASP B 111 -14.91 -23.15 -0.31
N ALA B 112 -14.71 -22.21 0.63
CA ALA B 112 -14.70 -20.77 0.33
C ALA B 112 -13.48 -20.07 0.90
N PHE B 113 -13.09 -19.04 0.18
CA PHE B 113 -12.19 -17.96 0.59
C PHE B 113 -13.06 -16.79 0.98
N VAL B 114 -12.87 -16.30 2.20
CA VAL B 114 -13.67 -15.23 2.74
C VAL B 114 -12.74 -14.09 3.18
N GLU B 115 -12.92 -12.92 2.59
CA GLU B 115 -12.05 -11.76 2.86
C GLU B 115 -12.85 -10.61 3.46
N VAL B 116 -12.31 -10.03 4.50
CA VAL B 116 -12.86 -8.88 5.20
C VAL B 116 -11.83 -7.75 5.11
N ILE B 117 -12.24 -6.58 4.59
CA ILE B 117 -11.31 -5.44 4.40
C ILE B 117 -11.89 -4.24 5.13
N VAL B 118 -11.06 -3.56 5.94
CA VAL B 118 -11.50 -2.37 6.64
C VAL B 118 -10.55 -1.23 6.28
N THR B 119 -11.12 -0.16 5.72
CA THR B 119 -10.30 0.96 5.27
C THR B 119 -10.64 2.25 6.03
N ARG B 120 -9.78 3.29 5.89
N ARG B 120 -9.74 3.21 5.89
CA ARG B 120 -10.02 4.59 6.51
CA ARG B 120 -9.91 4.48 6.50
C ARG B 120 -11.02 5.45 5.71
C ARG B 120 -11.19 5.17 6.02
N GLY B 121 -11.70 4.82 4.81
CA GLY B 121 -12.88 5.44 4.24
C GLY B 121 -12.59 6.68 3.43
N LEU B 122 -13.49 7.66 3.54
N LEU B 122 -13.55 7.62 3.41
CA LEU B 122 -13.33 8.95 2.86
CA LEU B 122 -13.45 8.72 2.46
C LEU B 122 -12.72 9.99 3.83
C LEU B 122 -12.72 9.94 3.03
N THR B 123 -11.94 9.52 4.78
N THR B 123 -12.11 9.84 4.21
CA THR B 123 -11.36 10.38 5.79
CA THR B 123 -11.29 10.95 4.64
C THR B 123 -10.54 11.50 5.14
C THR B 123 -9.87 10.48 4.98
N GLY B 124 -9.83 11.17 4.06
N GLY B 124 -8.89 11.13 4.35
CA GLY B 124 -9.04 12.15 3.37
CA GLY B 124 -7.48 10.76 4.53
C GLY B 124 -9.85 13.25 2.74
C GLY B 124 -6.82 11.44 5.73
N VAL B 125 -10.83 12.90 1.92
N VAL B 125 -5.84 10.77 6.31
CA VAL B 125 -11.61 13.92 1.21
CA VAL B 125 -5.25 11.27 7.53
C VAL B 125 -12.64 14.63 2.06
C VAL B 125 -4.62 12.62 7.32
N ARG B 126 -13.09 13.97 3.12
N ARG B 126 -3.96 12.87 6.19
CA ARG B 126 -14.09 14.54 4.02
CA ARG B 126 -3.24 14.13 6.03
C ARG B 126 -13.53 15.07 5.35
C ARG B 126 -4.20 15.32 6.02
N GLY B 127 -12.25 15.48 5.36
CA GLY B 127 -11.66 16.16 6.54
C GLY B 127 -12.52 17.27 7.16
N SER B 128 -12.99 18.21 6.34
CA SER B 128 -13.87 19.31 6.77
C SER B 128 -15.22 18.87 7.36
N LYS B 129 -15.67 17.65 7.03
CA LYS B 129 -16.97 17.15 7.45
C LYS B 129 -16.95 16.55 8.86
N PRO B 130 -18.10 16.57 9.55
CA PRO B 130 -18.14 15.90 10.86
C PRO B 130 -17.81 14.40 10.76
N GLU B 131 -17.26 13.85 11.83
CA GLU B 131 -17.05 12.40 11.98
C GLU B 131 -18.34 11.58 11.78
N ASP B 132 -18.29 10.58 10.92
CA ASP B 132 -19.53 9.85 10.57
C ASP B 132 -19.20 8.47 10.01
N LEU B 133 -20.12 7.81 9.32
N LEU B 133 -11.49 10.79 11.35
CA LEU B 133 -19.88 6.42 8.91
CA LEU B 133 -10.79 9.69 10.67
C LEU B 133 -18.89 6.30 7.75
C LEU B 133 -11.51 8.42 11.09
N TYR B 134 -18.67 7.36 7.02
N TYR B 134 -12.75 8.66 11.50
CA TYR B 134 -17.69 7.28 5.95
CA TYR B 134 -13.57 7.77 12.26
C TYR B 134 -16.23 7.34 6.39
C TYR B 134 -14.56 6.95 11.42
N ASN B 135 -15.94 7.55 7.67
N ASN B 135 -14.94 7.49 10.24
CA ASN B 135 -14.59 7.55 8.20
CA ASN B 135 -15.84 6.80 9.31
C ASN B 135 -13.95 6.20 8.29
C ASN B 135 -15.14 5.80 8.44
N ASN B 136 -14.75 5.13 8.31
N ASN B 136 -14.85 4.64 9.01
CA ASN B 136 -14.23 3.76 8.26
CA ASN B 136 -14.15 3.62 8.28
C ASN B 136 -15.16 2.90 7.41
C ASN B 136 -15.11 2.74 7.51
N ASN B 137 -14.63 2.24 6.38
CA ASN B 137 -15.45 1.45 5.47
C ASN B 137 -15.09 -0.01 5.59
N ILE B 138 -16.08 -0.88 5.35
CA ILE B 138 -15.86 -2.29 5.36
C ILE B 138 -16.40 -2.93 4.08
N TYR B 139 -15.61 -3.85 3.53
CA TYR B 139 -16.01 -4.65 2.36
C TYR B 139 -15.83 -6.10 2.65
N LEU B 140 -16.78 -6.94 2.20
CA LEU B 140 -16.73 -8.38 2.41
C LEU B 140 -16.76 -9.10 1.10
N LEU B 141 -16.00 -10.18 0.99
CA LEU B 141 -15.89 -10.94 -0.27
C LEU B 141 -15.82 -12.42 -0.02
N VAL B 142 -16.70 -13.17 -0.67
CA VAL B 142 -16.70 -14.62 -0.61
C VAL B 142 -16.45 -15.16 -2.01
N LEU B 143 -15.44 -16.01 -2.14
CA LEU B 143 -15.09 -16.63 -3.41
C LEU B 143 -14.89 -18.12 -3.22
N PRO B 144 -14.94 -18.87 -4.33
CA PRO B 144 -14.49 -20.27 -4.23
C PRO B 144 -13.07 -20.34 -3.66
N TYR B 145 -12.78 -21.40 -2.91
CA TYR B 145 -11.53 -21.56 -2.19
C TYR B 145 -10.36 -21.42 -3.14
N ILE B 146 -9.39 -20.63 -2.68
CA ILE B 146 -8.17 -20.30 -3.42
C ILE B 146 -7.00 -21.08 -2.82
N TRP B 147 -6.18 -21.68 -3.70
CA TRP B 147 -5.03 -22.46 -3.26
C TRP B 147 -3.72 -21.75 -3.57
N VAL B 148 -2.97 -21.42 -2.53
CA VAL B 148 -1.59 -20.96 -2.73
C VAL B 148 -0.68 -22.08 -3.29
N MET B 149 -1.02 -23.34 -2.94
CA MET B 149 -0.44 -24.55 -3.54
C MET B 149 -1.61 -25.50 -3.80
N ALA B 150 -1.79 -25.85 -5.05
CA ALA B 150 -2.90 -26.72 -5.46
C ALA B 150 -2.75 -28.10 -4.84
N PRO B 151 -3.86 -28.82 -4.65
CA PRO B 151 -3.83 -30.14 -4.04
C PRO B 151 -2.83 -31.10 -4.69
N GLU B 152 -2.81 -31.14 -6.01
CA GLU B 152 -1.92 -32.05 -6.74
CA GLU B 152 -1.90 -32.01 -6.80
C GLU B 152 -0.45 -31.76 -6.40
N ASN B 153 -0.12 -30.49 -6.19
CA ASN B 153 1.24 -30.11 -5.86
C ASN B 153 1.63 -30.35 -4.44
N GLN B 154 0.65 -30.40 -3.54
CA GLN B 154 0.93 -30.70 -2.15
C GLN B 154 1.45 -32.12 -1.94
N LEU B 155 1.11 -33.02 -2.87
CA LEU B 155 1.57 -34.39 -2.78
C LEU B 155 3.09 -34.51 -2.82
N HIS B 156 3.73 -33.69 -3.64
CA HIS B 156 5.18 -33.78 -3.85
C HIS B 156 5.94 -32.55 -3.39
N GLY B 157 5.24 -31.49 -3.11
CA GLY B 157 5.91 -30.27 -2.60
C GLY B 157 6.31 -29.32 -3.71
N GLY B 158 6.57 -28.09 -3.31
CA GLY B 158 6.90 -27.02 -4.25
C GLY B 158 8.28 -26.49 -4.11
N GLU B 159 8.52 -25.45 -4.92
CA GLU B 159 9.87 -24.90 -5.10
C GLU B 159 9.95 -23.49 -4.57
N ALA B 160 10.87 -23.27 -3.63
CA ALA B 160 11.04 -21.95 -3.01
C ALA B 160 12.41 -21.38 -3.33
N ILE B 161 12.55 -20.07 -3.12
CA ILE B 161 13.85 -19.40 -3.10
C ILE B 161 13.93 -18.52 -1.87
N ILE B 162 15.13 -18.33 -1.33
CA ILE B 162 15.37 -17.22 -0.40
C ILE B 162 15.60 -16.00 -1.26
N THR B 163 14.80 -14.96 -1.09
CA THR B 163 14.91 -13.80 -1.96
C THR B 163 16.18 -13.03 -1.74
N ARG B 164 16.76 -12.59 -2.86
CA ARG B 164 17.96 -11.76 -2.86
C ARG B 164 17.82 -10.39 -3.47
N THR B 165 16.66 -10.10 -4.10
CA THR B 165 16.40 -8.80 -4.67
C THR B 165 15.48 -7.96 -3.80
N VAL B 166 14.94 -8.57 -2.76
CA VAL B 166 13.93 -7.93 -1.90
C VAL B 166 14.06 -8.50 -0.51
N ARG B 167 13.73 -7.69 0.48
CA ARG B 167 13.62 -8.13 1.89
C ARG B 167 12.29 -7.63 2.44
N ARG B 168 11.85 -8.21 3.54
CA ARG B 168 10.54 -7.87 4.11
C ARG B 168 10.52 -6.44 4.62
N THR B 169 9.40 -5.73 4.40
CA THR B 169 9.21 -4.43 5.06
C THR B 169 9.46 -4.63 6.57
N PRO B 170 10.36 -3.85 7.16
CA PRO B 170 10.66 -4.06 8.57
C PRO B 170 9.56 -3.50 9.48
N PRO B 171 9.48 -4.00 10.72
CA PRO B 171 8.41 -3.58 11.60
C PRO B 171 8.40 -2.09 11.90
N GLY B 172 9.54 -1.41 11.88
CA GLY B 172 9.57 0.03 12.13
C GLY B 172 8.99 0.83 10.95
N ALA B 173 8.88 0.23 9.79
CA ALA B 173 8.17 0.81 8.65
C ALA B 173 6.68 0.43 8.60
N PHE B 174 6.35 -0.82 8.88
CA PHE B 174 4.97 -1.23 9.03
CA PHE B 174 4.96 -1.30 8.96
C PHE B 174 4.97 -2.49 9.89
N ASP B 175 4.11 -2.47 10.92
CA ASP B 175 4.04 -3.63 11.84
C ASP B 175 3.46 -4.83 11.11
N PRO B 176 4.23 -5.90 10.89
CA PRO B 176 3.74 -7.02 10.07
C PRO B 176 2.69 -7.86 10.81
N THR B 177 2.50 -7.62 12.11
CA THR B 177 1.40 -8.27 12.79
C THR B 177 0.06 -7.69 12.42
N ILE B 178 0.04 -6.52 11.77
CA ILE B 178 -1.16 -5.89 11.21
C ILE B 178 -1.27 -6.45 9.80
N LYS B 179 -2.25 -7.32 9.54
CA LYS B 179 -2.38 -7.87 8.20
C LYS B 179 -2.71 -6.74 7.25
N ASN B 180 -1.99 -6.68 6.10
CA ASN B 180 -2.15 -5.52 5.24
C ASN B 180 -1.92 -5.88 3.78
N LEU B 181 -2.35 -4.98 2.90
CA LEU B 181 -2.26 -5.22 1.47
C LEU B 181 -1.17 -4.40 0.82
N GLN B 182 -0.26 -3.85 1.63
CA GLN B 182 0.87 -3.09 1.05
C GLN B 182 1.96 -4.11 0.70
N TRP B 183 1.75 -4.78 -0.42
CA TRP B 183 2.51 -5.96 -0.80
C TRP B 183 3.70 -5.67 -1.66
N GLY B 184 4.21 -4.44 -1.63
CA GLY B 184 5.27 -4.10 -2.62
C GLY B 184 6.44 -5.10 -2.58
N ASP B 185 6.88 -5.47 -1.38
CA ASP B 185 7.95 -6.42 -1.20
C ASP B 185 7.54 -7.84 -1.63
N LEU B 186 6.38 -8.28 -1.20
CA LEU B 186 5.88 -9.61 -1.46
C LEU B 186 5.61 -9.85 -2.96
N THR B 187 5.06 -8.84 -3.61
CA THR B 187 4.85 -8.88 -5.06
C THR B 187 6.18 -8.98 -5.81
N LYS B 188 7.14 -8.16 -5.42
CA LYS B 188 8.46 -8.24 -6.01
C LYS B 188 9.05 -9.63 -5.79
N GLY B 189 8.87 -10.20 -4.60
CA GLY B 189 9.30 -11.53 -4.32
C GLY B 189 8.73 -12.56 -5.27
N LEU B 190 7.44 -12.43 -5.55
CA LEU B 190 6.79 -13.35 -6.52
C LEU B 190 7.42 -13.25 -7.89
N PHE B 191 7.75 -12.04 -8.35
CA PHE B 191 8.44 -11.89 -9.63
C PHE B 191 9.86 -12.43 -9.60
N GLU B 192 10.56 -12.25 -8.47
CA GLU B 192 11.91 -12.80 -8.35
C GLU B 192 11.85 -14.35 -8.46
N ALA B 193 10.90 -14.97 -7.77
CA ALA B 193 10.75 -16.41 -7.83
C ALA B 193 10.54 -16.84 -9.30
N MET B 194 9.66 -16.13 -10.02
CA MET B 194 9.40 -16.45 -11.43
CA MET B 194 9.39 -16.42 -11.42
C MET B 194 10.68 -16.32 -12.23
N ASP B 195 11.42 -15.25 -12.01
CA ASP B 195 12.66 -15.01 -12.73
C ASP B 195 13.69 -16.12 -12.49
N ARG B 196 13.71 -16.66 -11.29
CA ARG B 196 14.68 -17.68 -10.88
C ARG B 196 14.18 -19.10 -11.08
N GLY B 197 12.98 -19.25 -11.64
CA GLY B 197 12.44 -20.59 -11.99
C GLY B 197 11.83 -21.33 -10.83
N ALA B 198 11.46 -20.60 -9.78
CA ALA B 198 10.83 -21.16 -8.61
C ALA B 198 9.41 -20.57 -8.49
N THR B 199 8.75 -20.92 -7.40
CA THR B 199 7.37 -20.46 -7.18
C THR B 199 7.21 -19.55 -5.95
N TYR B 200 7.77 -19.96 -4.83
CA TYR B 200 7.47 -19.37 -3.52
C TYR B 200 8.66 -18.56 -3.02
N PRO B 201 8.46 -17.27 -2.77
CA PRO B 201 9.56 -16.46 -2.20
C PRO B 201 9.56 -16.48 -0.68
N PHE B 202 10.71 -16.75 -0.11
CA PHE B 202 10.94 -16.64 1.36
C PHE B 202 11.75 -15.37 1.53
N LEU B 203 11.17 -14.36 2.19
CA LEU B 203 11.86 -13.10 2.33
C LEU B 203 12.65 -13.09 3.64
N THR B 204 13.83 -12.48 3.64
CA THR B 204 14.59 -12.27 4.89
C THR B 204 14.24 -10.94 5.53
N ASP B 205 14.82 -10.64 6.67
N ASP B 205 14.69 -10.77 6.80
CA ASP B 205 14.75 -9.30 7.16
CA ASP B 205 14.43 -9.61 7.73
C ASP B 205 15.95 -8.47 6.70
C ASP B 205 15.42 -8.44 7.55
N GLY B 206 16.78 -8.98 5.80
N GLY B 206 16.18 -8.49 6.46
CA GLY B 206 17.99 -8.30 5.40
CA GLY B 206 17.21 -7.50 6.28
C GLY B 206 19.11 -8.40 6.44
C GLY B 206 18.42 -7.67 7.20
N ASP B 207 18.75 -8.89 7.62
N ASP B 207 18.46 -8.78 7.93
CA ASP B 207 19.70 -8.98 8.73
CA ASP B 207 19.51 -9.03 8.94
C ASP B 207 19.96 -10.42 9.07
C ASP B 207 19.91 -10.49 9.13
N THR B 208 19.78 -11.27 8.05
CA THR B 208 20.18 -12.71 8.07
CA THR B 208 20.15 -12.68 7.93
C THR B 208 19.16 -13.69 8.56
N ASN B 209 17.95 -13.25 8.87
CA ASN B 209 16.93 -14.17 9.36
C ASN B 209 15.73 -14.29 8.44
N LEU B 210 15.05 -15.44 8.53
CA LEU B 210 13.84 -15.66 7.73
C LEU B 210 12.65 -14.89 8.34
N THR B 211 11.75 -14.45 7.46
CA THR B 211 10.49 -13.86 7.91
C THR B 211 9.34 -14.73 7.42
N GLU B 212 8.72 -14.30 6.33
CA GLU B 212 7.53 -14.96 5.78
C GLU B 212 7.55 -14.79 4.29
N GLY B 213 6.52 -15.26 3.60
CA GLY B 213 6.41 -15.06 2.17
C GLY B 213 5.12 -14.45 1.76
N SER B 214 4.87 -14.57 0.44
CA SER B 214 3.72 -13.97 -0.21
CA SER B 214 3.72 -13.92 -0.16
C SER B 214 2.44 -14.72 0.05
N GLY B 215 1.87 -14.52 1.25
CA GLY B 215 0.64 -15.19 1.64
C GLY B 215 0.79 -16.39 2.54
N PHE B 216 1.92 -16.50 3.25
CA PHE B 216 2.14 -17.68 4.10
C PHE B 216 3.22 -17.43 5.12
N ASN B 217 3.16 -18.18 6.21
CA ASN B 217 4.28 -18.29 7.16
C ASN B 217 5.17 -19.48 6.77
N ILE B 218 6.40 -19.43 7.24
CA ILE B 218 7.45 -20.42 6.92
C ILE B 218 7.74 -21.26 8.14
N VAL B 219 7.81 -22.58 7.96
CA VAL B 219 8.13 -23.50 9.05
C VAL B 219 9.26 -24.44 8.63
N LEU B 220 10.27 -24.57 9.49
CA LEU B 220 11.36 -25.52 9.28
C LEU B 220 11.27 -26.66 10.27
N VAL B 221 11.72 -27.84 9.85
CA VAL B 221 11.75 -29.02 10.72
C VAL B 221 13.20 -29.54 10.71
N LYS B 222 13.79 -29.67 11.90
CA LYS B 222 15.15 -30.19 12.01
C LYS B 222 15.26 -31.09 13.24
N ASN B 223 15.70 -32.34 13.01
CA ASN B 223 15.93 -33.29 14.11
C ASN B 223 14.70 -33.44 15.02
N GLY B 224 13.52 -33.52 14.41
CA GLY B 224 12.28 -33.73 15.13
C GLY B 224 11.62 -32.52 15.79
N ILE B 225 12.21 -31.33 15.56
CA ILE B 225 11.76 -30.10 16.23
C ILE B 225 11.32 -29.14 15.12
N ILE B 226 10.22 -28.45 15.39
CA ILE B 226 9.66 -27.48 14.46
C ILE B 226 10.12 -26.06 14.89
N TYR B 227 10.48 -25.25 13.89
CA TYR B 227 10.99 -23.87 14.08
C TYR B 227 10.23 -22.91 13.19
N THR B 228 9.84 -21.76 13.74
CA THR B 228 9.19 -20.77 12.89
C THR B 228 9.47 -19.38 13.43
N PRO B 229 9.70 -18.36 12.53
CA PRO B 229 10.06 -17.03 13.03
C PRO B 229 9.04 -16.41 13.99
N ASP B 230 9.54 -15.75 15.03
N ASP B 230 9.58 -15.73 14.98
CA ASP B 230 8.71 -15.10 16.06
CA ASP B 230 8.83 -15.10 16.05
C ASP B 230 8.62 -13.59 15.98
C ASP B 230 8.39 -13.68 15.70
N ARG B 231 9.23 -12.98 14.96
CA ARG B 231 9.21 -11.54 14.77
CA ARG B 231 9.06 -11.56 14.77
C ARG B 231 9.24 -11.25 13.31
N GLY B 232 8.71 -10.10 12.90
CA GLY B 232 8.81 -9.68 11.51
C GLY B 232 7.74 -10.28 10.58
N VAL B 233 6.75 -10.98 11.17
CA VAL B 233 5.78 -11.75 10.43
C VAL B 233 4.37 -11.59 11.01
N LEU B 234 3.40 -11.98 10.19
CA LEU B 234 2.03 -12.15 10.65
C LEU B 234 1.97 -13.33 11.61
N ARG B 235 1.23 -13.16 12.71
CA ARG B 235 0.92 -14.30 13.57
C ARG B 235 -0.22 -15.11 12.98
N GLY B 236 0.13 -15.95 12.02
CA GLY B 236 -0.82 -16.71 11.22
C GLY B 236 -1.72 -17.58 12.06
N ILE B 237 -2.97 -17.67 11.65
CA ILE B 237 -3.96 -18.59 12.31
CA ILE B 237 -3.88 -18.60 12.34
C ILE B 237 -3.62 -20.02 11.88
N THR B 238 -3.08 -20.21 10.68
CA THR B 238 -2.64 -21.52 10.29
C THR B 238 -1.46 -21.91 11.14
N ARG B 239 -0.50 -21.00 11.31
CA ARG B 239 0.62 -21.22 12.22
C ARG B 239 0.16 -21.55 13.65
N LYS B 240 -0.83 -20.82 14.13
CA LYS B 240 -1.41 -21.09 15.43
C LYS B 240 -1.90 -22.55 15.48
N SER B 241 -2.56 -22.98 14.42
CA SER B 241 -3.09 -24.38 14.30
C SER B 241 -1.96 -25.40 14.22
N VAL B 242 -0.86 -25.06 13.54
CA VAL B 242 0.32 -25.91 13.51
C VAL B 242 0.84 -26.13 14.93
N ILE B 243 0.89 -25.07 15.71
CA ILE B 243 1.37 -25.12 17.08
C ILE B 243 0.43 -26.03 17.90
N ASP B 244 -0.86 -25.90 17.68
CA ASP B 244 -1.85 -26.78 18.36
C ASP B 244 -1.64 -28.23 18.03
N VAL B 245 -1.42 -28.54 16.75
CA VAL B 245 -1.20 -29.91 16.31
C VAL B 245 0.10 -30.45 16.84
N ALA B 246 1.16 -29.66 16.76
CA ALA B 246 2.45 -30.06 17.32
C ALA B 246 2.32 -30.41 18.80
N ARG B 247 1.69 -29.55 19.57
CA ARG B 247 1.55 -29.80 20.98
C ARG B 247 0.73 -31.07 21.26
N ALA B 248 -0.32 -31.30 20.48
CA ALA B 248 -1.14 -32.52 20.64
C ALA B 248 -0.37 -33.80 20.34
N ASN B 249 0.67 -33.72 19.51
CA ASN B 249 1.51 -34.82 19.14
C ASN B 249 2.85 -34.87 19.87
N SER B 250 3.01 -34.07 20.90
CA SER B 250 4.28 -33.98 21.62
C SER B 250 5.49 -33.74 20.73
N ILE B 251 5.31 -32.86 19.75
CA ILE B 251 6.39 -32.39 18.89
C ILE B 251 6.81 -31.00 19.37
N ASP B 252 8.08 -30.84 19.71
CA ASP B 252 8.57 -29.57 20.23
CA ASP B 252 8.64 -29.59 20.21
C ASP B 252 8.49 -28.55 19.10
N ILE B 253 7.96 -27.37 19.39
N ILE B 253 7.99 -27.38 19.47
CA ILE B 253 7.82 -26.34 18.35
CA ILE B 253 7.93 -26.25 18.56
C ILE B 253 8.28 -25.02 18.96
C ILE B 253 8.68 -25.08 19.16
N ARG B 254 9.29 -24.40 18.29
N ARG B 254 9.34 -24.34 18.29
CA ARG B 254 10.05 -23.23 18.75
C ARG B 254 9.74 -22.04 17.87
N LEU B 255 9.15 -21.06 18.52
CA LEU B 255 8.91 -19.74 17.95
CA LEU B 255 8.89 -19.71 18.00
C LEU B 255 10.06 -18.86 18.38
N GLU B 256 10.94 -18.54 17.44
CA GLU B 256 12.17 -17.86 17.78
C GLU B 256 12.77 -17.28 16.50
N VAL B 257 13.91 -16.60 16.62
CA VAL B 257 14.57 -16.12 15.41
C VAL B 257 15.13 -17.33 14.68
N VAL B 258 14.90 -17.37 13.37
CA VAL B 258 15.28 -18.47 12.53
C VAL B 258 16.26 -17.95 11.48
N PRO B 259 17.56 -18.18 11.71
CA PRO B 259 18.55 -17.78 10.68
C PRO B 259 18.29 -18.39 9.30
N VAL B 260 18.54 -17.63 8.24
CA VAL B 260 18.50 -18.10 6.86
C VAL B 260 19.29 -19.39 6.68
N GLU B 261 20.46 -19.45 7.33
CA GLU B 261 21.30 -20.64 7.23
C GLU B 261 20.55 -21.95 7.54
N GLN B 262 19.66 -21.90 8.51
CA GLN B 262 18.99 -23.10 8.96
CA GLN B 262 18.95 -23.08 8.97
C GLN B 262 18.12 -23.72 7.86
N ALA B 263 17.60 -22.91 6.93
CA ALA B 263 16.78 -23.45 5.85
C ALA B 263 17.56 -24.40 4.96
N TYR B 264 18.88 -24.19 4.82
CA TYR B 264 19.71 -25.00 3.93
C TYR B 264 20.08 -26.36 4.52
N HIS B 265 19.74 -26.60 5.77
CA HIS B 265 20.02 -27.87 6.43
C HIS B 265 18.79 -28.56 6.95
N SER B 266 17.63 -28.00 6.63
CA SER B 266 16.41 -28.52 7.18
C SER B 266 16.12 -29.97 6.75
N ASP B 267 15.51 -30.74 7.66
CA ASP B 267 14.98 -32.07 7.30
CA ASP B 267 15.01 -32.07 7.32
C ASP B 267 13.72 -31.94 6.47
N GLU B 268 12.90 -30.91 6.80
CA GLU B 268 11.64 -30.66 6.09
C GLU B 268 11.35 -29.15 6.17
N ILE B 269 10.60 -28.68 5.19
CA ILE B 269 10.12 -27.30 5.15
C ILE B 269 8.68 -27.33 4.69
N PHE B 270 7.84 -26.50 5.35
CA PHE B 270 6.54 -26.27 4.82
C PHE B 270 6.09 -24.84 5.04
N MET B 271 5.17 -24.42 4.19
CA MET B 271 4.51 -23.14 4.32
C MET B 271 3.13 -23.37 4.90
N CYS B 272 2.56 -22.34 5.51
CA CYS B 272 1.20 -22.46 6.05
C CYS B 272 0.41 -21.19 5.85
N THR B 273 -0.85 -21.41 5.48
CA THR B 273 -1.75 -20.30 5.22
CA THR B 273 -1.76 -20.31 5.11
C THR B 273 -3.21 -20.76 5.15
N THR B 274 -4.10 -19.79 5.36
CA THR B 274 -5.54 -20.09 5.27
C THR B 274 -5.93 -20.54 3.86
N ALA B 275 -5.31 -19.95 2.85
CA ALA B 275 -5.61 -20.31 1.44
C ALA B 275 -4.75 -21.47 0.94
N GLY B 276 -5.01 -22.62 1.52
CA GLY B 276 -4.38 -23.86 1.09
C GLY B 276 -3.90 -24.80 2.18
N GLY B 277 -3.69 -24.28 3.38
CA GLY B 277 -3.32 -25.08 4.52
C GLY B 277 -1.82 -25.29 4.70
N ILE B 278 -1.39 -26.56 4.64
CA ILE B 278 -0.03 -27.00 4.95
C ILE B 278 0.60 -27.42 3.63
N MET B 279 1.64 -26.68 3.23
CA MET B 279 2.10 -26.71 1.84
C MET B 279 3.58 -27.05 1.85
N PRO B 280 3.93 -28.30 1.55
CA PRO B 280 5.35 -28.71 1.62
C PRO B 280 6.23 -28.06 0.58
N ILE B 281 7.47 -27.77 0.99
CA ILE B 281 8.51 -27.26 0.12
C ILE B 281 9.62 -28.31 0.05
N THR B 282 9.87 -28.82 -1.17
CA THR B 282 10.87 -29.90 -1.33
C THR B 282 12.04 -29.51 -2.18
N LEU B 283 12.02 -28.28 -2.73
CA LEU B 283 13.17 -27.72 -3.43
C LEU B 283 13.41 -26.27 -2.93
N LEU B 284 14.65 -25.95 -2.62
CA LEU B 284 15.01 -24.63 -2.12
C LEU B 284 16.23 -24.16 -2.90
N ASP B 285 16.14 -22.99 -3.52
CA ASP B 285 17.22 -22.44 -4.33
C ASP B 285 17.74 -23.51 -5.32
N GLY B 286 16.81 -24.26 -5.85
CA GLY B 286 17.08 -25.25 -6.88
C GLY B 286 17.66 -26.55 -6.41
N GLN B 287 17.82 -26.72 -5.11
CA GLN B 287 18.36 -27.95 -4.55
C GLN B 287 17.35 -28.65 -3.66
N PRO B 288 17.42 -30.00 -3.56
CA PRO B 288 16.47 -30.69 -2.70
CA PRO B 288 16.47 -30.71 -2.70
C PRO B 288 16.56 -30.25 -1.26
N VAL B 289 15.41 -30.17 -0.60
CA VAL B 289 15.36 -30.05 0.87
C VAL B 289 15.52 -31.49 1.39
N ASN B 290 16.61 -31.72 2.09
CA ASN B 290 16.96 -33.06 2.60
C ASN B 290 16.95 -34.03 1.41
N ASP B 291 16.05 -35.03 1.41
CA ASP B 291 15.95 -36.04 0.36
C ASP B 291 14.99 -35.66 -0.77
N GLY B 292 14.41 -34.46 -0.71
CA GLY B 292 13.46 -34.05 -1.74
C GLY B 292 12.07 -34.62 -1.58
N GLN B 293 11.79 -35.30 -0.46
CA GLN B 293 10.49 -35.88 -0.21
C GLN B 293 9.71 -35.08 0.80
N VAL B 294 8.40 -35.21 0.76
CA VAL B 294 7.52 -34.64 1.80
C VAL B 294 7.78 -35.43 3.06
N GLY B 295 8.15 -34.75 4.13
CA GLY B 295 8.61 -35.40 5.34
C GLY B 295 7.52 -35.88 6.30
N PRO B 296 7.90 -36.70 7.28
CA PRO B 296 6.87 -37.29 8.18
C PRO B 296 6.21 -36.31 9.15
N ILE B 297 6.94 -35.29 9.61
CA ILE B 297 6.37 -34.30 10.53
C ILE B 297 5.40 -33.42 9.74
N THR B 298 5.79 -33.05 8.52
CA THR B 298 4.89 -32.31 7.63
C THR B 298 3.56 -33.06 7.44
N LYS B 299 3.66 -34.36 7.19
CA LYS B 299 2.43 -35.16 7.05
C LYS B 299 1.58 -35.21 8.32
N LYS B 300 2.21 -35.35 9.47
CA LYS B 300 1.47 -35.34 10.72
CA LYS B 300 1.52 -35.32 10.76
C LYS B 300 0.76 -34.01 10.96
N ILE B 301 1.45 -32.91 10.63
CA ILE B 301 0.83 -31.60 10.79
C ILE B 301 -0.31 -31.41 9.81
N TRP B 302 -0.12 -31.85 8.56
CA TRP B 302 -1.13 -31.75 7.50
C TRP B 302 -2.41 -32.49 7.97
N ASP B 303 -2.23 -33.70 8.45
CA ASP B 303 -3.36 -34.51 8.89
CA ASP B 303 -3.35 -34.52 8.91
C ASP B 303 -4.09 -33.87 10.06
N GLY B 304 -3.35 -33.44 11.06
CA GLY B 304 -3.94 -32.84 12.23
C GLY B 304 -4.66 -31.54 11.90
N TYR B 305 -4.05 -30.76 11.00
CA TYR B 305 -4.67 -29.52 10.55
C TYR B 305 -6.04 -29.73 9.93
N TRP B 306 -6.15 -30.67 9.01
CA TRP B 306 -7.42 -30.88 8.37
C TRP B 306 -8.44 -31.51 9.35
N GLU B 307 -7.97 -32.35 10.25
CA GLU B 307 -8.88 -32.91 11.26
CA GLU B 307 -8.83 -32.90 11.33
C GLU B 307 -9.51 -31.79 12.10
N MET B 308 -8.74 -30.70 12.35
CA MET B 308 -9.26 -29.58 13.12
C MET B 308 -10.46 -28.91 12.50
N HIS B 309 -10.65 -29.05 11.19
CA HIS B 309 -11.72 -28.42 10.48
C HIS B 309 -13.09 -29.03 10.80
N TYR B 310 -13.07 -30.16 11.48
CA TYR B 310 -14.29 -30.85 11.91
C TYR B 310 -14.44 -30.83 13.42
N ASN B 311 -13.53 -30.21 14.14
CA ASN B 311 -13.55 -30.12 15.57
C ASN B 311 -14.41 -28.94 16.00
N PRO B 312 -15.49 -29.18 16.78
CA PRO B 312 -16.40 -28.10 17.08
C PRO B 312 -15.80 -26.93 17.91
N ALA B 313 -14.65 -27.14 18.52
CA ALA B 313 -14.01 -26.06 19.24
C ALA B 313 -13.39 -25.05 18.27
N TYR B 314 -13.20 -25.46 17.02
CA TYR B 314 -12.45 -24.61 16.03
C TYR B 314 -13.32 -24.29 14.82
N SER B 315 -14.54 -24.78 14.76
CA SER B 315 -15.32 -24.66 13.53
C SER B 315 -16.78 -24.80 13.81
N PHE B 316 -17.59 -24.33 12.87
CA PHE B 316 -19.04 -24.48 12.95
C PHE B 316 -19.61 -24.59 11.57
N PRO B 317 -20.74 -25.30 11.41
CA PRO B 317 -21.38 -25.42 10.13
C PRO B 317 -22.24 -24.24 9.70
N VAL B 318 -22.11 -23.83 8.46
CA VAL B 318 -22.96 -22.83 7.87
C VAL B 318 -24.31 -23.48 7.55
N ASP B 319 -25.38 -22.72 7.76
CA ASP B 319 -26.77 -23.17 7.39
C ASP B 319 -27.08 -22.77 5.95
N TYR B 320 -27.02 -23.72 5.03
CA TYR B 320 -27.25 -23.46 3.62
C TYR B 320 -28.76 -23.46 3.29
N GLY B 321 -29.59 -23.72 4.30
CA GLY B 321 -31.05 -23.53 4.17
C GLY B 321 -31.73 -24.69 3.48
N1 PXG C . 8.14 12.20 -1.58
C2 PXG C . 6.96 11.58 -1.44
C2A PXG C . 6.88 10.34 -0.59
C3 PXG C . 5.76 12.12 -2.08
O3 PXG C . 4.56 11.50 -1.92
C5 PXG C . 7.18 13.91 -2.95
C6 PXG C . 8.23 13.32 -2.30
C5A PXG C . 7.34 15.17 -3.76
OP4 PXG C . 7.42 14.81 -5.14
P PXG C . 7.05 15.89 -6.31
OP1 PXG C . 7.45 15.18 -7.57
OP2 PXG C . 5.56 16.16 -6.16
OP3 PXG C . 7.85 17.17 -6.00
C4 PXG C . 5.85 13.32 -2.88
C4A PXG C . 4.69 13.95 -3.60
C7 PXG C . -0.91 13.72 -1.64
C7 PXG C . -0.92 13.74 -1.66
C8 PXG C . 0.17 14.21 -2.54
O2 PXG C . -1.04 12.46 -1.42
O2 PXG C . -0.62 13.49 -0.46
C9 PXG C . 1.33 13.45 -2.62
C10 PXG C . 2.32 13.92 -3.46
C11 PXG C . 2.19 15.11 -4.19
C12 PXG C . 1.04 15.84 -4.09
C13 PXG C . 0.03 15.39 -3.27
O8 PXG C . -1.65 14.62 -1.12
O8 PXG C . -2.06 13.64 -2.20
N9 PXG C . 3.44 13.21 -3.46
C1 MRD D . -7.88 11.48 -1.91
C2 MRD D . -7.20 12.85 -2.06
O2 MRD D . -6.74 13.33 -0.79
CM MRD D . -8.26 13.83 -2.52
C3 MRD D . -6.02 12.82 -3.06
C4 MRD D . -4.85 12.04 -2.44
C4 MRD D . -4.74 12.06 -2.70
O4 MRD D . -4.47 12.70 -1.22
O4 MRD D . -5.06 10.74 -2.26
C5 MRD D . -3.60 11.90 -3.32
C5 MRD D . -3.88 12.78 -1.67
C FMT E . 2.84 23.93 -8.20
C FMT E . 2.81 23.45 -7.99
O1 FMT E . 3.92 23.46 -8.62
O1 FMT E . 1.95 24.22 -8.46
O2 FMT E . 2.21 23.33 -7.30
O2 FMT E . 2.98 23.38 -6.74
C FMT F . 8.15 13.81 24.50
O1 FMT F . 7.07 13.24 24.24
O2 FMT F . 8.94 14.14 23.57
C FMT G . 7.16 -5.50 -9.20
O1 FMT G . 7.23 -6.12 -8.11
O2 FMT G . 6.26 -4.63 -9.33
N1 PXG H . 1.89 -14.01 6.17
C2 PXG H . 1.35 -13.28 5.22
C2A PXG H . 2.19 -12.11 4.72
C3 PXG H . 0.05 -13.55 4.67
O3 PXG H . -0.45 -12.81 3.66
C5 PXG H . -0.02 -15.45 6.21
C6 PXG H . 1.24 -15.07 6.68
C5A PXG H . -0.70 -16.65 6.79
OP4 PXG H . -1.68 -16.23 7.73
P PXG H . -2.99 -17.13 8.09
OP1 PXG H . -3.59 -16.40 9.28
OP2 PXG H . -3.84 -17.18 6.85
OP3 PXG H . -2.46 -18.51 8.46
C4 PXG H . -0.69 -14.70 5.17
C4A PXG H . -2.09 -15.12 4.71
C7 PXG H . -3.70 -14.66 -0.97
C8 PXG H . -3.91 -14.99 0.47
O2 PXG H . -2.87 -13.77 -1.25
C9 PXG H . -3.18 -14.35 1.48
C10 PXG H . -3.40 -14.72 2.80
C11 PXG H . -4.31 -15.73 3.16
C12 PXG H . -5.02 -16.33 2.16
C13 PXG H . -4.83 -15.97 0.83
O8 PXG H . -4.28 -15.35 -1.85
N9 PXG H . -2.58 -14.20 3.71
C1 MPD I . -6.87 -10.92 -4.20
C1 MPD I . -9.41 -11.87 -4.09
C2 MPD I . -8.09 -11.64 -4.81
C2 MPD I . -7.97 -11.89 -4.58
O2 MPD I . -8.87 -10.68 -5.52
O2 MPD I . -7.13 -12.52 -3.59
CM MPD I . -8.90 -12.26 -3.67
CM MPD I . -7.51 -10.46 -4.76
C3 MPD I . -7.74 -12.70 -5.85
C4 MPD I . -8.98 -13.48 -6.36
O4 MPD I . -9.94 -12.63 -7.02
C5 MPD I . -8.53 -14.56 -7.33
C FMT J . -8.58 -23.75 4.71
O1 FMT J . -7.34 -23.81 4.74
O2 FMT J . -9.30 -24.37 5.54
C FMT K . 21.94 -17.58 -10.18
O1 FMT K . 21.13 -16.85 -10.78
O2 FMT K . 21.68 -18.05 -9.05
C FMT L . -21.10 -1.31 7.41
C FMT L . -21.21 -0.89 6.65
O1 FMT L . -21.48 -1.97 6.43
O1 FMT L . -21.69 -1.12 5.53
O2 FMT L . -20.34 -0.33 7.27
O2 FMT L . -20.52 0.14 6.81
NA NA M . -18.36 3.24 6.47
#